data_7LTQ
#
_entry.id   7LTQ
#
_cell.length_a   95.870
_cell.length_b   95.870
_cell.length_c   205.020
_cell.angle_alpha   90.000
_cell.angle_beta   90.000
_cell.angle_gamma   120.000
#
_symmetry.space_group_name_H-M   'P 32 2 1'
#
loop_
_entity.id
_entity.type
_entity.pdbx_description
1 polymer 'Histidine kinase'
2 non-polymer 1,2-ETHANEDIOL
3 non-polymer 'SULFATE ION'
4 non-polymer 'COBALT (II) ION'
5 water water
#
_entity_poly.entity_id   1
_entity_poly.type   'polypeptide(L)'
_entity_poly.pdbx_seq_one_letter_code
;MAHHHHHHMGTLEAQTQGPGSMVTSIPVDPAADLLRERAAHYAAEAALFLRDQALSTASHDLRSPLNAMHSWAYVLERQL
ASADPSLQRALAGIRTGIDQQVALIDDVLDAPRAETRTLAITAQPFALRPLLDDTLALVRFALADARQVSIDATLPDGEP
SLSADRERVAQALWTMLTTAVEASAAGNRVTFACTRDGAQCVAHVTCGVSAAALADPALPHAFDAFARREMLRSRDAKRV
AWVLALCQRVALAHGGTFTHAAFADGAVVTLSLAVPCKAAG
;
_entity_poly.pdbx_strand_id   A,B,C,D
#
# COMPACT_ATOMS: atom_id res chain seq x y z
N THR A 24 34.94 -39.64 5.43
CA THR A 24 33.84 -39.25 6.30
C THR A 24 33.77 -37.72 6.43
N SER A 25 32.99 -37.08 5.55
CA SER A 25 32.97 -35.63 5.45
C SER A 25 32.30 -35.00 6.68
N ILE A 26 32.56 -33.71 6.86
CA ILE A 26 31.96 -32.94 7.94
C ILE A 26 31.10 -31.86 7.32
N PRO A 27 29.76 -31.98 7.38
CA PRO A 27 28.89 -30.98 6.76
C PRO A 27 29.01 -29.63 7.45
N VAL A 28 29.15 -28.58 6.64
CA VAL A 28 29.20 -27.20 7.14
C VAL A 28 28.26 -26.30 6.32
N ASP A 29 27.34 -26.92 5.59
CA ASP A 29 26.35 -26.22 4.78
C ASP A 29 25.20 -27.18 4.50
N PRO A 30 24.05 -26.68 4.08
CA PRO A 30 22.96 -27.58 3.67
C PRO A 30 23.43 -28.51 2.56
N ALA A 31 22.87 -29.72 2.55
CA ALA A 31 23.18 -30.68 1.50
C ALA A 31 22.86 -30.11 0.12
N ALA A 32 23.61 -30.59 -0.89
CA ALA A 32 23.47 -30.09 -2.26
C ALA A 32 22.04 -30.28 -2.79
N ASP A 33 21.42 -31.44 -2.53
CA ASP A 33 20.06 -31.65 -3.03
C ASP A 33 19.07 -30.69 -2.37
N LEU A 34 19.31 -30.32 -1.11
CA LEU A 34 18.44 -29.34 -0.46
C LEU A 34 18.66 -27.95 -1.07
N LEU A 35 19.93 -27.58 -1.32
CA LEU A 35 20.18 -26.29 -1.95
C LEU A 35 19.52 -26.21 -3.33
N ARG A 36 19.52 -27.33 -4.06
CA ARG A 36 18.91 -27.36 -5.39
C ARG A 36 17.41 -27.14 -5.30
N GLU A 37 16.76 -27.77 -4.32
CA GLU A 37 15.32 -27.61 -4.17
C GLU A 37 14.97 -26.19 -3.70
N ARG A 38 15.76 -25.62 -2.80
CA ARG A 38 15.52 -24.25 -2.35
C ARG A 38 15.66 -23.26 -3.49
N ALA A 39 16.74 -23.38 -4.27
CA ALA A 39 16.93 -22.47 -5.39
C ALA A 39 15.73 -22.52 -6.34
N ALA A 40 15.29 -23.73 -6.70
CA ALA A 40 14.14 -23.87 -7.61
C ALA A 40 12.87 -23.31 -6.98
N HIS A 41 12.65 -23.61 -5.70
CA HIS A 41 11.52 -23.05 -4.96
C HIS A 41 11.56 -21.53 -4.98
N TYR A 42 12.68 -20.95 -4.56
CA TYR A 42 12.75 -19.49 -4.46
C TYR A 42 12.59 -18.83 -5.82
N ALA A 43 13.16 -19.45 -6.88
CA ALA A 43 13.04 -18.90 -8.22
C ALA A 43 11.58 -18.91 -8.70
N ALA A 44 10.81 -19.95 -8.35
CA ALA A 44 9.39 -19.97 -8.66
C ALA A 44 8.62 -18.92 -7.85
N GLU A 45 8.98 -18.74 -6.57
CA GLU A 45 8.32 -17.70 -5.78
C GLU A 45 8.57 -16.33 -6.39
N ALA A 46 9.83 -16.00 -6.71
CA ALA A 46 10.14 -14.72 -7.33
C ALA A 46 9.38 -14.53 -8.63
N ALA A 47 9.32 -15.57 -9.48
CA ALA A 47 8.57 -15.50 -10.73
C ALA A 47 7.07 -15.30 -10.46
N LEU A 48 6.57 -15.92 -9.38
CA LEU A 48 5.18 -15.78 -9.00
CA LEU A 48 5.18 -15.79 -8.99
C LEU A 48 4.84 -14.34 -8.64
N PHE A 49 5.66 -13.73 -7.77
CA PHE A 49 5.44 -12.34 -7.38
C PHE A 49 5.66 -11.38 -8.53
N LEU A 50 6.54 -11.73 -9.49
CA LEU A 50 6.70 -10.90 -10.69
C LEU A 50 5.39 -10.82 -11.47
N ARG A 51 4.74 -11.97 -11.71
CA ARG A 51 3.51 -11.95 -12.47
CA ARG A 51 3.49 -11.99 -12.46
C ARG A 51 2.41 -11.20 -11.73
N ASP A 52 2.33 -11.34 -10.40
CA ASP A 52 1.40 -10.52 -9.64
C ASP A 52 1.72 -9.04 -9.75
N GLN A 53 3.00 -8.70 -9.94
CA GLN A 53 3.37 -7.30 -10.09
C GLN A 53 2.90 -6.75 -11.43
N ALA A 54 2.90 -7.60 -12.46
CA ALA A 54 2.36 -7.22 -13.75
C ALA A 54 0.85 -6.96 -13.66
N LEU A 55 0.10 -7.90 -13.04
CA LEU A 55 -1.32 -7.69 -12.80
C LEU A 55 -1.56 -6.40 -12.04
N SER A 56 -0.74 -6.13 -11.02
CA SER A 56 -0.91 -4.93 -10.21
C SER A 56 -0.64 -3.67 -11.02
N THR A 57 0.40 -3.71 -11.84
CA THR A 57 0.71 -2.58 -12.71
C THR A 57 -0.45 -2.30 -13.66
N ALA A 58 -1.02 -3.35 -14.25
CA ALA A 58 -2.14 -3.16 -15.16
C ALA A 58 -3.35 -2.57 -14.43
N SER A 59 -3.61 -3.07 -13.22
CA SER A 59 -4.77 -2.61 -12.46
C SER A 59 -4.65 -1.12 -12.15
N HIS A 60 -3.47 -0.70 -11.70
CA HIS A 60 -3.27 0.72 -11.40
C HIS A 60 -3.27 1.57 -12.66
N ASP A 61 -2.56 1.14 -13.70
CA ASP A 61 -2.37 2.03 -14.84
C ASP A 61 -3.57 2.10 -15.77
N LEU A 62 -4.50 1.15 -15.72
CA LEU A 62 -5.70 1.24 -16.55
C LEU A 62 -6.60 2.40 -16.11
N ARG A 63 -6.55 2.79 -14.84
CA ARG A 63 -7.51 3.74 -14.29
C ARG A 63 -7.38 5.11 -14.94
N SER A 64 -6.14 5.56 -15.20
CA SER A 64 -5.94 6.91 -15.73
C SER A 64 -6.50 7.07 -17.14
N PRO A 65 -6.21 6.19 -18.11
CA PRO A 65 -6.87 6.34 -19.42
C PRO A 65 -8.38 6.25 -19.33
N LEU A 66 -8.91 5.35 -18.50
CA LEU A 66 -10.36 5.23 -18.38
C LEU A 66 -10.96 6.51 -17.81
N ASN A 67 -10.28 7.12 -16.83
CA ASN A 67 -10.76 8.37 -16.28
C ASN A 67 -10.70 9.51 -17.30
N ALA A 68 -9.62 9.56 -18.08
CA ALA A 68 -9.52 10.59 -19.12
C ALA A 68 -10.61 10.41 -20.18
N MET A 69 -10.90 9.16 -20.56
CA MET A 69 -11.96 8.88 -21.53
C MET A 69 -13.32 9.30 -21.00
N HIS A 70 -13.54 9.08 -19.70
CA HIS A 70 -14.79 9.50 -19.09
C HIS A 70 -14.99 11.00 -19.30
N SER A 71 -13.95 11.78 -19.06
CA SER A 71 -14.05 13.24 -19.22
C SER A 71 -14.24 13.64 -20.67
N TRP A 72 -13.48 13.03 -21.59
CA TRP A 72 -13.66 13.34 -23.01
C TRP A 72 -15.06 12.96 -23.50
N ALA A 73 -15.64 11.88 -22.96
CA ALA A 73 -16.99 11.51 -23.37
C ALA A 73 -17.99 12.55 -22.90
N TYR A 74 -17.77 13.13 -21.72
CA TYR A 74 -18.64 14.19 -21.23
C TYR A 74 -18.53 15.43 -22.12
N VAL A 75 -17.31 15.74 -22.56
CA VAL A 75 -17.10 16.88 -23.46
C VAL A 75 -17.83 16.66 -24.78
N LEU A 76 -17.65 15.47 -25.36
CA LEU A 76 -18.38 15.13 -26.59
C LEU A 76 -19.88 15.20 -26.39
N GLU A 77 -20.38 14.70 -25.24
CA GLU A 77 -21.81 14.73 -24.99
C GLU A 77 -22.34 16.16 -25.02
N ARG A 78 -21.62 17.09 -24.38
CA ARG A 78 -22.04 18.48 -24.42
C ARG A 78 -21.91 19.07 -25.83
N GLN A 79 -20.79 18.80 -26.51
CA GLN A 79 -20.57 19.40 -27.81
C GLN A 79 -21.49 18.83 -28.89
N LEU A 80 -21.99 17.61 -28.69
CA LEU A 80 -22.96 17.01 -29.61
C LEU A 80 -24.38 17.14 -29.09
N ALA A 81 -24.64 18.09 -28.19
CA ALA A 81 -25.91 18.12 -27.47
C ALA A 81 -27.11 18.20 -28.40
N SER A 82 -27.00 18.97 -29.48
CA SER A 82 -28.11 19.12 -30.42
C SER A 82 -27.79 18.48 -31.78
N ALA A 83 -26.94 17.46 -31.78
CA ALA A 83 -26.64 16.69 -32.98
C ALA A 83 -27.61 15.50 -33.08
N ASP A 84 -27.44 14.72 -34.15
CA ASP A 84 -28.33 13.58 -34.40
C ASP A 84 -28.25 12.57 -33.26
N PRO A 85 -29.39 12.08 -32.76
CA PRO A 85 -29.35 11.25 -31.54
C PRO A 85 -28.57 9.95 -31.67
N SER A 86 -28.36 9.43 -32.89
CA SER A 86 -27.51 8.26 -33.01
C SER A 86 -26.07 8.55 -32.57
N LEU A 87 -25.62 9.79 -32.75
CA LEU A 87 -24.31 10.18 -32.23
C LEU A 87 -24.26 9.99 -30.72
N GLN A 88 -25.31 10.40 -30.01
CA GLN A 88 -25.34 10.16 -28.56
C GLN A 88 -25.35 8.66 -28.26
N ARG A 89 -25.94 7.85 -29.14
CA ARG A 89 -25.93 6.41 -28.95
C ARG A 89 -24.52 5.84 -29.12
N ALA A 90 -23.76 6.39 -30.06
CA ALA A 90 -22.36 6.02 -30.17
C ALA A 90 -21.61 6.37 -28.89
N LEU A 91 -21.81 7.59 -28.39
CA LEU A 91 -21.19 8.00 -27.13
C LEU A 91 -21.61 7.10 -25.98
N ALA A 92 -22.88 6.71 -25.94
CA ALA A 92 -23.31 5.78 -24.91
C ALA A 92 -22.59 4.43 -25.05
N GLY A 93 -22.35 3.99 -26.29
CA GLY A 93 -21.63 2.75 -26.49
C GLY A 93 -20.21 2.83 -25.97
N ILE A 94 -19.52 3.94 -26.25
CA ILE A 94 -18.20 4.20 -25.69
C ILE A 94 -18.24 4.15 -24.17
N ARG A 95 -19.23 4.82 -23.57
CA ARG A 95 -19.30 4.85 -22.12
C ARG A 95 -19.61 3.48 -21.53
N THR A 96 -20.39 2.68 -22.24
CA THR A 96 -20.64 1.32 -21.77
C THR A 96 -19.35 0.52 -21.78
N GLY A 97 -18.57 0.67 -22.84
CA GLY A 97 -17.25 0.04 -22.86
C GLY A 97 -16.39 0.48 -21.70
N ILE A 98 -16.29 1.81 -21.47
CA ILE A 98 -15.50 2.30 -20.34
C ILE A 98 -15.92 1.60 -19.05
N ASP A 99 -17.23 1.56 -18.80
CA ASP A 99 -17.73 1.00 -17.55
C ASP A 99 -17.53 -0.51 -17.49
N GLN A 100 -17.63 -1.20 -18.62
CA GLN A 100 -17.29 -2.62 -18.64
C GLN A 100 -15.84 -2.85 -18.28
N GLN A 101 -14.94 -1.99 -18.78
CA GLN A 101 -13.53 -2.14 -18.48
C GLN A 101 -13.26 -1.94 -16.98
N VAL A 102 -13.89 -0.92 -16.38
CA VAL A 102 -13.75 -0.71 -14.95
C VAL A 102 -14.19 -1.95 -14.17
N ALA A 103 -15.36 -2.49 -14.54
CA ALA A 103 -15.92 -3.64 -13.83
C ALA A 103 -15.01 -4.86 -13.91
N LEU A 104 -14.28 -5.03 -15.03
CA LEU A 104 -13.43 -6.20 -15.21
C LEU A 104 -12.20 -6.18 -14.30
N ILE A 105 -11.69 -4.99 -13.95
CA ILE A 105 -10.40 -4.88 -13.27
C ILE A 105 -10.36 -5.73 -11.99
N ASP A 106 -11.42 -5.66 -11.19
CA ASP A 106 -11.41 -6.38 -9.93
C ASP A 106 -11.26 -7.88 -10.16
N ASP A 107 -12.00 -8.42 -11.12
CA ASP A 107 -12.07 -9.87 -11.27
C ASP A 107 -10.86 -10.43 -12.01
N VAL A 108 -10.37 -9.73 -13.05
CA VAL A 108 -9.33 -10.33 -13.86
C VAL A 108 -7.94 -9.85 -13.46
N LEU A 109 -7.83 -8.71 -12.77
CA LEU A 109 -6.52 -8.23 -12.32
C LEU A 109 -6.31 -8.31 -10.81
N ASP A 110 -7.32 -7.97 -10.00
CA ASP A 110 -7.08 -7.86 -8.56
C ASP A 110 -7.33 -9.17 -7.82
N ALA A 111 -8.35 -9.92 -8.20
CA ALA A 111 -8.68 -11.15 -7.48
C ALA A 111 -7.55 -12.18 -7.50
N PRO A 112 -6.85 -12.43 -8.62
CA PRO A 112 -5.81 -13.47 -8.59
C PRO A 112 -4.60 -13.10 -7.76
N ARG A 113 -4.25 -11.82 -7.67
CA ARG A 113 -3.05 -11.42 -6.94
C ARG A 113 -3.32 -11.12 -5.47
N ALA A 114 -4.54 -11.36 -4.97
CA ALA A 114 -4.94 -10.87 -3.66
C ALA A 114 -4.00 -11.36 -2.55
N GLU A 115 -3.51 -12.60 -2.64
CA GLU A 115 -2.80 -13.13 -1.48
C GLU A 115 -1.31 -12.84 -1.48
N THR A 116 -0.74 -12.31 -2.56
CA THR A 116 0.58 -11.68 -2.42
C THR A 116 0.47 -10.19 -2.15
N ARG A 117 -0.62 -9.57 -2.64
CA ARG A 117 -0.87 -8.16 -2.35
CA ARG A 117 -0.85 -8.15 -2.35
C ARG A 117 -0.83 -7.89 -0.85
N THR A 118 -1.54 -8.73 -0.09
CA THR A 118 -1.50 -8.75 1.36
C THR A 118 -0.88 -10.09 1.76
N LEU A 119 0.45 -10.15 1.79
CA LEU A 119 1.15 -11.39 2.09
C LEU A 119 0.95 -11.76 3.55
N ALA A 120 0.32 -12.91 3.79
CA ALA A 120 0.26 -13.45 5.14
C ALA A 120 1.62 -14.00 5.56
N ILE A 121 2.05 -13.66 6.78
CA ILE A 121 3.34 -14.10 7.30
C ILE A 121 3.17 -14.57 8.74
N THR A 122 4.14 -15.34 9.21
CA THR A 122 4.21 -15.75 10.61
C THR A 122 5.57 -15.34 11.15
N ALA A 123 5.58 -14.41 12.09
CA ALA A 123 6.83 -13.96 12.69
C ALA A 123 7.17 -14.84 13.89
N GLN A 124 8.45 -15.17 14.01
CA GLN A 124 8.94 -15.93 15.15
C GLN A 124 10.42 -15.59 15.30
N PRO A 125 10.95 -15.60 16.54
CA PRO A 125 12.38 -15.38 16.73
C PRO A 125 13.22 -16.41 16.00
N PHE A 126 14.24 -15.94 15.29
CA PHE A 126 15.26 -16.82 14.72
C PHE A 126 16.60 -16.11 14.76
N ALA A 127 17.69 -16.89 14.82
CA ALA A 127 19.03 -16.35 14.76
C ALA A 127 19.37 -15.92 13.34
N LEU A 128 19.94 -14.72 13.20
CA LEU A 128 20.14 -14.12 11.87
C LEU A 128 21.34 -14.72 11.15
N ARG A 129 22.49 -14.82 11.83
CA ARG A 129 23.71 -15.24 11.15
C ARG A 129 23.60 -16.61 10.48
N PRO A 130 23.00 -17.64 11.08
CA PRO A 130 22.85 -18.90 10.33
C PRO A 130 22.02 -18.73 9.05
N LEU A 131 21.02 -17.85 9.06
CA LEU A 131 20.25 -17.60 7.84
C LEU A 131 21.10 -16.89 6.81
N LEU A 132 21.87 -15.87 7.23
CA LEU A 132 22.75 -15.19 6.28
C LEU A 132 23.74 -16.18 5.65
N ASP A 133 24.30 -17.07 6.47
CA ASP A 133 25.23 -18.09 5.97
C ASP A 133 24.55 -19.04 4.99
N ASP A 134 23.39 -19.60 5.37
CA ASP A 134 22.65 -20.45 4.43
C ASP A 134 22.34 -19.72 3.12
N THR A 135 22.02 -18.43 3.19
CA THR A 135 21.68 -17.68 1.99
C THR A 135 22.89 -17.56 1.06
N LEU A 136 24.05 -17.25 1.62
CA LEU A 136 25.28 -17.16 0.83
C LEU A 136 25.62 -18.49 0.19
N ALA A 137 25.59 -19.57 0.98
CA ALA A 137 25.82 -20.90 0.42
C ALA A 137 24.88 -21.16 -0.76
N LEU A 138 23.61 -20.77 -0.61
CA LEU A 138 22.64 -21.03 -1.66
C LEU A 138 22.95 -20.22 -2.94
N VAL A 139 23.21 -18.92 -2.80
CA VAL A 139 23.41 -18.11 -4.00
C VAL A 139 24.71 -18.51 -4.72
N ARG A 140 25.76 -18.81 -3.94
CA ARG A 140 27.01 -19.26 -4.54
C ARG A 140 26.82 -20.59 -5.28
N PHE A 141 26.12 -21.54 -4.64
CA PHE A 141 25.91 -22.85 -5.26
C PHE A 141 25.07 -22.74 -6.52
N ALA A 142 24.01 -21.92 -6.47
CA ALA A 142 23.02 -21.90 -7.55
C ALA A 142 23.44 -21.02 -8.73
N LEU A 143 24.30 -20.01 -8.52
CA LEU A 143 24.55 -19.07 -9.60
C LEU A 143 25.88 -18.33 -9.52
N ALA A 144 26.26 -17.84 -8.34
CA ALA A 144 27.37 -16.88 -8.28
C ALA A 144 28.70 -17.54 -8.66
N ASP A 145 28.92 -18.78 -8.23
CA ASP A 145 30.18 -19.45 -8.56
C ASP A 145 30.29 -19.68 -10.06
N ALA A 146 29.23 -20.20 -10.68
CA ALA A 146 29.24 -20.39 -12.13
C ALA A 146 29.42 -19.07 -12.88
N ARG A 147 28.85 -17.99 -12.34
CA ARG A 147 28.98 -16.69 -12.98
C ARG A 147 30.31 -15.99 -12.69
N GLN A 148 31.15 -16.58 -11.84
CA GLN A 148 32.42 -15.99 -11.43
C GLN A 148 32.22 -14.60 -10.83
N VAL A 149 31.19 -14.48 -10.00
CA VAL A 149 30.92 -13.26 -9.24
C VAL A 149 31.26 -13.50 -7.78
N SER A 150 32.07 -12.63 -7.20
CA SER A 150 32.41 -12.74 -5.78
C SER A 150 31.35 -12.02 -4.96
N ILE A 151 30.85 -12.69 -3.92
CA ILE A 151 29.97 -12.06 -2.95
C ILE A 151 30.83 -11.76 -1.73
N ASP A 152 31.20 -10.49 -1.55
CA ASP A 152 31.95 -10.08 -0.38
C ASP A 152 30.97 -9.80 0.75
N ALA A 153 30.94 -10.68 1.75
CA ALA A 153 29.97 -10.63 2.83
C ALA A 153 30.61 -10.18 4.13
N THR A 154 29.91 -9.30 4.84
CA THR A 154 30.24 -8.88 6.19
C THR A 154 29.11 -9.28 7.11
N LEU A 155 29.40 -10.09 8.08
CA LEU A 155 28.31 -10.67 8.84
C LEU A 155 28.28 -10.11 10.26
N PRO A 156 27.07 -9.92 10.80
CA PRO A 156 26.93 -9.13 12.03
C PRO A 156 27.63 -9.75 13.22
N ASP A 157 28.28 -8.89 14.01
CA ASP A 157 28.90 -9.32 15.26
C ASP A 157 27.83 -9.75 16.26
N GLY A 158 28.23 -10.64 17.17
CA GLY A 158 27.35 -11.09 18.23
C GLY A 158 26.51 -12.28 17.84
N GLU A 159 25.36 -12.44 18.48
CA GLU A 159 24.35 -13.42 18.06
C GLU A 159 23.01 -12.70 17.90
N PRO A 160 22.91 -11.77 16.95
CA PRO A 160 21.65 -11.06 16.75
C PRO A 160 20.55 -12.00 16.29
N SER A 161 19.34 -11.69 16.74
CA SER A 161 18.16 -12.48 16.41
C SER A 161 17.11 -11.54 15.84
N LEU A 162 16.19 -12.13 15.09
CA LEU A 162 15.13 -11.39 14.43
C LEU A 162 13.82 -12.10 14.72
N SER A 163 12.76 -11.33 14.92
CA SER A 163 11.41 -11.87 15.04
C SER A 163 10.71 -11.53 13.73
N ALA A 164 10.75 -12.47 12.79
CA ALA A 164 10.19 -12.25 11.46
C ALA A 164 9.83 -13.61 10.87
N ASP A 165 9.33 -13.57 9.63
CA ASP A 165 9.01 -14.78 8.90
C ASP A 165 10.29 -15.27 8.21
N ARG A 166 10.93 -16.25 8.82
CA ARG A 166 12.27 -16.67 8.42
C ARG A 166 12.30 -17.13 6.97
N GLU A 167 11.32 -17.94 6.60
CA GLU A 167 11.20 -18.42 5.23
C GLU A 167 11.03 -17.26 4.23
N ARG A 168 10.18 -16.29 4.55
CA ARG A 168 9.98 -15.18 3.61
C ARG A 168 11.19 -14.26 3.56
N VAL A 169 11.87 -14.06 4.70
CA VAL A 169 13.13 -13.31 4.72
C VAL A 169 14.21 -14.05 3.94
N ALA A 170 14.29 -15.37 4.10
CA ALA A 170 15.19 -16.17 3.28
C ALA A 170 14.95 -15.94 1.79
N GLN A 171 13.68 -16.01 1.38
CA GLN A 171 13.33 -15.77 -0.01
C GLN A 171 13.69 -14.34 -0.45
N ALA A 172 13.41 -13.35 0.39
CA ALA A 172 13.71 -11.97 0.03
C ALA A 172 15.22 -11.74 -0.11
N LEU A 173 16.00 -12.21 0.88
CA LEU A 173 17.47 -12.11 0.77
C LEU A 173 17.98 -12.84 -0.46
N TRP A 174 17.47 -14.05 -0.71
CA TRP A 174 17.94 -14.78 -1.89
C TRP A 174 17.65 -14.00 -3.18
N THR A 175 16.46 -13.41 -3.27
CA THR A 175 16.07 -12.70 -4.49
C THR A 175 16.95 -11.46 -4.72
N MET A 176 17.20 -10.66 -3.67
CA MET A 176 18.06 -9.48 -3.81
C MET A 176 19.47 -9.86 -4.25
N LEU A 177 20.08 -10.82 -3.55
CA LEU A 177 21.44 -11.23 -3.88
CA LEU A 177 21.44 -11.23 -3.88
C LEU A 177 21.51 -11.81 -5.28
N THR A 178 20.58 -12.70 -5.61
CA THR A 178 20.59 -13.34 -6.91
C THR A 178 20.38 -12.31 -8.03
N THR A 179 19.52 -11.31 -7.78
CA THR A 179 19.36 -10.23 -8.74
C THR A 179 20.66 -9.44 -8.93
N ALA A 180 21.35 -9.11 -7.83
CA ALA A 180 22.62 -8.39 -7.97
C ALA A 180 23.66 -9.22 -8.71
N VAL A 181 23.68 -10.53 -8.45
CA VAL A 181 24.57 -11.42 -9.20
C VAL A 181 24.17 -11.48 -10.67
N GLU A 182 22.85 -11.48 -10.95
CA GLU A 182 22.41 -11.49 -12.34
C GLU A 182 22.90 -10.26 -13.09
N ALA A 183 22.98 -9.10 -12.42
CA ALA A 183 23.46 -7.85 -13.01
C ALA A 183 24.98 -7.77 -13.18
N SER A 184 25.75 -8.76 -12.71
CA SER A 184 27.19 -8.61 -12.56
C SER A 184 27.94 -9.44 -13.61
N ALA A 185 28.91 -8.81 -14.27
CA ALA A 185 29.77 -9.53 -15.20
C ALA A 185 30.84 -10.34 -14.46
N ALA A 186 31.45 -11.26 -15.20
CA ALA A 186 32.46 -12.15 -14.65
C ALA A 186 33.63 -11.36 -14.07
N GLY A 187 33.99 -11.68 -12.83
CA GLY A 187 35.08 -11.00 -12.16
C GLY A 187 34.67 -9.79 -11.36
N ASN A 188 33.40 -9.41 -11.40
CA ASN A 188 32.92 -8.28 -10.60
C ASN A 188 32.45 -8.79 -9.25
N ARG A 189 32.03 -7.87 -8.39
CA ARG A 189 31.79 -8.16 -6.99
C ARG A 189 30.41 -7.67 -6.57
N VAL A 190 29.80 -8.43 -5.67
CA VAL A 190 28.57 -8.04 -5.00
C VAL A 190 28.90 -7.94 -3.52
N THR A 191 28.56 -6.82 -2.91
CA THR A 191 28.84 -6.61 -1.50
C THR A 191 27.55 -6.80 -0.72
N PHE A 192 27.64 -7.57 0.36
CA PHE A 192 26.48 -7.93 1.18
C PHE A 192 26.81 -7.64 2.63
N ALA A 193 25.96 -6.85 3.29
CA ALA A 193 26.19 -6.52 4.69
C ALA A 193 24.85 -6.25 5.36
N CYS A 194 24.79 -6.56 6.66
CA CYS A 194 23.60 -6.40 7.49
CA CYS A 194 23.60 -6.39 7.49
C CYS A 194 23.92 -5.50 8.68
N THR A 195 22.97 -4.64 9.04
CA THR A 195 23.14 -3.78 10.21
C THR A 195 21.84 -3.68 10.99
N ARG A 196 21.96 -3.15 12.20
CA ARG A 196 20.82 -2.82 13.06
C ARG A 196 20.86 -1.31 13.27
N ASP A 197 20.08 -0.58 12.47
CA ASP A 197 19.97 0.88 12.59
C ASP A 197 18.75 1.20 13.45
N GLY A 198 18.97 1.33 14.75
CA GLY A 198 17.87 1.62 15.65
C GLY A 198 16.99 0.41 15.82
N ALA A 199 15.68 0.60 15.64
CA ALA A 199 14.73 -0.51 15.73
C ALA A 199 14.65 -1.32 14.44
N GLN A 200 15.32 -0.89 13.38
CA GLN A 200 15.25 -1.55 12.08
C GLN A 200 16.52 -2.37 11.85
N CYS A 201 16.34 -3.52 11.20
CA CYS A 201 17.42 -4.44 10.83
C CYS A 201 17.48 -4.49 9.31
N VAL A 202 18.61 -4.07 8.74
CA VAL A 202 18.70 -3.72 7.33
C VAL A 202 19.79 -4.55 6.67
N ALA A 203 19.46 -5.16 5.53
CA ALA A 203 20.43 -5.87 4.71
C ALA A 203 20.66 -5.10 3.41
N HIS A 204 21.94 -4.82 3.13
CA HIS A 204 22.36 -4.08 1.93
C HIS A 204 23.08 -4.99 0.95
N VAL A 205 22.76 -4.81 -0.33
CA VAL A 205 23.41 -5.52 -1.43
C VAL A 205 23.78 -4.49 -2.48
N THR A 206 25.06 -4.47 -2.88
CA THR A 206 25.57 -3.49 -3.83
C THR A 206 26.23 -4.22 -4.99
N CYS A 207 26.00 -3.73 -6.21
CA CYS A 207 26.55 -4.36 -7.40
C CYS A 207 26.87 -3.30 -8.47
N GLY A 208 27.67 -3.73 -9.45
CA GLY A 208 27.90 -2.96 -10.67
C GLY A 208 27.19 -3.63 -11.83
N VAL A 209 26.34 -2.86 -12.52
CA VAL A 209 25.40 -3.40 -13.50
C VAL A 209 26.07 -3.54 -14.87
N SER A 210 26.12 -4.77 -15.37
CA SER A 210 26.49 -5.04 -16.77
C SER A 210 25.23 -5.46 -17.52
N ALA A 211 24.72 -4.57 -18.38
CA ALA A 211 23.56 -4.93 -19.18
C ALA A 211 23.86 -6.12 -20.09
N ALA A 212 25.08 -6.17 -20.63
CA ALA A 212 25.49 -7.28 -21.49
C ALA A 212 25.43 -8.62 -20.76
N ALA A 213 25.87 -8.65 -19.50
CA ALA A 213 25.80 -9.89 -18.75
C ALA A 213 24.36 -10.27 -18.40
N LEU A 214 23.51 -9.27 -18.14
CA LEU A 214 22.11 -9.55 -17.83
C LEU A 214 21.43 -10.26 -18.99
N ALA A 215 21.79 -9.91 -20.22
CA ALA A 215 21.10 -10.43 -21.40
C ALA A 215 21.79 -11.64 -22.02
N ASP A 216 23.03 -11.92 -21.66
CA ASP A 216 23.83 -12.92 -22.36
C ASP A 216 23.24 -14.31 -22.20
N PRO A 217 22.71 -14.92 -23.26
CA PRO A 217 22.13 -16.27 -23.13
C PRO A 217 23.16 -17.36 -22.98
N ALA A 218 24.43 -17.08 -23.30
CA ALA A 218 25.49 -18.04 -23.01
C ALA A 218 25.83 -18.09 -21.53
N LEU A 219 25.31 -17.17 -20.72
CA LEU A 219 25.63 -17.21 -19.30
C LEU A 219 24.54 -17.95 -18.53
N PRO A 220 24.87 -18.55 -17.39
CA PRO A 220 23.82 -19.11 -16.53
C PRO A 220 22.93 -18.02 -15.96
N HIS A 221 21.66 -18.35 -15.75
CA HIS A 221 20.70 -17.39 -15.23
C HIS A 221 19.74 -18.08 -14.27
N ALA A 222 19.35 -17.36 -13.22
CA ALA A 222 18.27 -17.83 -12.35
C ALA A 222 16.88 -17.37 -12.81
N PHE A 223 16.78 -16.18 -13.40
CA PHE A 223 15.51 -15.61 -13.82
C PHE A 223 15.41 -15.66 -15.34
N ASP A 224 14.18 -15.59 -15.86
CA ASP A 224 14.05 -15.73 -17.30
C ASP A 224 14.35 -14.42 -18.01
N ALA A 225 14.47 -14.50 -19.33
CA ALA A 225 14.93 -13.38 -20.12
C ALA A 225 14.07 -12.14 -19.91
N PHE A 226 12.74 -12.31 -19.77
CA PHE A 226 11.89 -11.15 -19.59
C PHE A 226 12.16 -10.45 -18.27
N ALA A 227 12.31 -11.22 -17.18
CA ALA A 227 12.58 -10.61 -15.88
C ALA A 227 13.83 -9.76 -15.93
N ARG A 228 14.88 -10.26 -16.59
CA ARG A 228 16.14 -9.53 -16.70
C ARG A 228 16.04 -8.36 -17.67
N ARG A 229 15.23 -8.48 -18.71
CA ARG A 229 14.99 -7.34 -19.58
C ARG A 229 14.16 -6.28 -18.86
N GLU A 230 13.19 -6.71 -18.05
CA GLU A 230 12.31 -5.77 -17.36
C GLU A 230 13.08 -4.96 -16.32
N MET A 231 14.10 -5.57 -15.69
CA MET A 231 14.94 -4.85 -14.73
C MET A 231 15.50 -3.56 -15.29
N LEU A 232 15.82 -3.57 -16.58
CA LEU A 232 16.42 -2.42 -17.24
C LEU A 232 15.39 -1.44 -17.76
N ARG A 233 14.10 -1.79 -17.79
CA ARG A 233 13.08 -0.81 -18.13
C ARG A 233 13.14 0.36 -17.14
N SER A 234 12.65 1.50 -17.60
CA SER A 234 12.49 2.68 -16.75
C SER A 234 11.06 2.72 -16.22
N ARG A 235 10.93 2.90 -14.90
CA ARG A 235 9.64 3.00 -14.24
C ARG A 235 9.66 4.16 -13.26
N ASP A 236 8.51 4.44 -12.66
CA ASP A 236 8.45 5.38 -11.54
C ASP A 236 9.38 4.92 -10.42
N ALA A 237 9.87 5.90 -9.64
CA ALA A 237 10.83 5.57 -8.58
C ALA A 237 10.18 4.76 -7.46
N LYS A 238 8.87 4.93 -7.24
CA LYS A 238 8.15 4.13 -6.25
C LYS A 238 8.04 2.66 -6.65
N ARG A 239 8.32 2.34 -7.92
CA ARG A 239 8.15 1.01 -8.46
C ARG A 239 9.50 0.29 -8.48
N VAL A 240 9.53 -0.89 -7.96
CA VAL A 240 10.69 -1.75 -7.98
C VAL A 240 10.68 -2.52 -9.29
N ALA A 241 11.87 -2.93 -9.74
CA ALA A 241 11.97 -4.00 -10.72
C ALA A 241 11.06 -5.15 -10.34
N TRP A 242 10.32 -5.67 -11.33
CA TRP A 242 9.32 -6.70 -11.06
C TRP A 242 9.94 -7.96 -10.45
N VAL A 243 11.18 -8.29 -10.83
CA VAL A 243 11.79 -9.48 -10.27
C VAL A 243 12.06 -9.30 -8.78
N LEU A 244 12.06 -8.07 -8.28
CA LEU A 244 12.24 -7.80 -6.86
C LEU A 244 10.91 -7.61 -6.12
N ALA A 245 9.78 -7.86 -6.80
CA ALA A 245 8.48 -7.65 -6.15
C ALA A 245 8.36 -8.49 -4.86
N LEU A 246 8.82 -9.75 -4.89
CA LEU A 246 8.78 -10.54 -3.66
C LEU A 246 9.43 -9.79 -2.49
N CYS A 247 10.57 -9.14 -2.74
CA CYS A 247 11.27 -8.42 -1.68
C CYS A 247 10.41 -7.31 -1.11
N GLN A 248 9.79 -6.53 -1.99
CA GLN A 248 8.90 -5.46 -1.55
C GLN A 248 7.73 -5.99 -0.74
N ARG A 249 7.06 -7.04 -1.25
CA ARG A 249 5.88 -7.56 -0.54
C ARG A 249 6.26 -8.11 0.82
N VAL A 250 7.38 -8.84 0.89
CA VAL A 250 7.85 -9.38 2.16
C VAL A 250 8.22 -8.25 3.13
N ALA A 251 8.92 -7.23 2.62
CA ALA A 251 9.22 -6.08 3.45
C ALA A 251 7.96 -5.44 4.01
N LEU A 252 7.00 -5.11 3.13
CA LEU A 252 5.79 -4.45 3.58
C LEU A 252 5.02 -5.31 4.58
N ALA A 253 4.95 -6.62 4.33
CA ALA A 253 4.21 -7.50 5.25
C ALA A 253 4.79 -7.43 6.67
N HIS A 254 6.10 -7.22 6.78
CA HIS A 254 6.75 -7.09 8.08
C HIS A 254 6.69 -5.68 8.63
N GLY A 255 5.99 -4.76 7.97
CA GLY A 255 6.06 -3.35 8.35
C GLY A 255 7.39 -2.71 8.04
N GLY A 256 8.08 -3.20 7.01
CA GLY A 256 9.39 -2.68 6.64
C GLY A 256 9.39 -2.08 5.25
N THR A 257 10.57 -1.85 4.69
CA THR A 257 10.69 -1.20 3.40
C THR A 257 11.72 -1.94 2.55
N PHE A 258 11.61 -1.74 1.23
CA PHE A 258 12.58 -2.25 0.27
C PHE A 258 12.89 -1.15 -0.73
N THR A 259 14.17 -0.85 -0.90
CA THR A 259 14.58 0.27 -1.74
C THR A 259 15.68 -0.18 -2.69
N HIS A 260 15.62 0.28 -3.93
CA HIS A 260 16.76 0.06 -4.83
C HIS A 260 16.76 1.13 -5.90
N ALA A 261 17.97 1.47 -6.35
CA ALA A 261 18.13 2.39 -7.47
C ALA A 261 17.89 1.64 -8.79
N ALA A 262 17.60 2.42 -9.83
CA ALA A 262 17.28 1.83 -11.12
C ALA A 262 18.49 1.08 -11.67
N PHE A 263 18.24 -0.12 -12.18
CA PHE A 263 19.25 -0.89 -12.89
C PHE A 263 19.52 -0.26 -14.25
N ALA A 264 20.78 0.10 -14.50
CA ALA A 264 21.20 0.68 -15.78
C ALA A 264 22.65 0.31 -16.01
N ASP A 265 23.01 0.12 -17.28
CA ASP A 265 24.35 -0.30 -17.64
C ASP A 265 25.38 0.67 -17.08
N GLY A 266 26.42 0.12 -16.44
CA GLY A 266 27.47 0.93 -15.87
C GLY A 266 27.19 1.51 -14.49
N ALA A 267 25.96 1.42 -14.00
CA ALA A 267 25.62 2.01 -12.71
C ALA A 267 26.03 1.11 -11.55
N VAL A 268 26.36 1.74 -10.43
CA VAL A 268 26.44 1.05 -9.14
C VAL A 268 25.11 1.20 -8.42
N VAL A 269 24.53 0.08 -8.02
CA VAL A 269 23.16 0.02 -7.53
C VAL A 269 23.17 -0.69 -6.18
N THR A 270 22.51 -0.08 -5.20
CA THR A 270 22.30 -0.71 -3.89
C THR A 270 20.85 -1.12 -3.73
N LEU A 271 20.65 -2.32 -3.19
CA LEU A 271 19.33 -2.82 -2.79
C LEU A 271 19.31 -2.91 -1.27
N SER A 272 18.26 -2.39 -0.64
CA SER A 272 18.19 -2.34 0.82
C SER A 272 16.87 -2.90 1.31
N LEU A 273 16.95 -3.93 2.15
CA LEU A 273 15.78 -4.55 2.76
C LEU A 273 15.80 -4.26 4.24
N ALA A 274 14.81 -3.53 4.72
CA ALA A 274 14.73 -3.13 6.13
C ALA A 274 13.45 -3.69 6.73
N VAL A 275 13.58 -4.43 7.83
CA VAL A 275 12.41 -4.89 8.58
C VAL A 275 12.61 -4.55 10.06
N PRO A 276 11.54 -4.40 10.84
CA PRO A 276 11.72 -4.19 12.28
C PRO A 276 12.36 -5.43 12.89
N CYS A 277 13.25 -5.18 13.88
CA CYS A 277 13.95 -6.28 14.51
C CYS A 277 13.06 -7.07 15.46
N LYS A 278 12.02 -6.43 16.02
CA LYS A 278 11.01 -7.10 16.82
C LYS A 278 9.66 -6.97 16.11
N ALA A 279 9.04 -8.10 15.81
CA ALA A 279 7.72 -8.13 15.18
C ALA A 279 6.70 -7.32 15.96
N VAL B 28 -34.28 30.46 5.30
CA VAL B 28 -33.26 29.95 6.21
C VAL B 28 -33.13 28.44 6.10
N ASP B 29 -32.14 27.89 6.80
CA ASP B 29 -31.92 26.45 6.86
C ASP B 29 -32.04 26.01 8.31
N PRO B 30 -32.93 25.07 8.64
CA PRO B 30 -33.01 24.60 10.04
C PRO B 30 -31.80 23.79 10.47
N ALA B 31 -31.07 23.20 9.52
CA ALA B 31 -29.86 22.45 9.80
C ALA B 31 -28.60 23.30 9.65
N ALA B 32 -28.74 24.62 9.69
CA ALA B 32 -27.58 25.51 9.53
C ALA B 32 -26.47 25.18 10.52
N ASP B 33 -26.80 25.06 11.81
CA ASP B 33 -25.77 24.85 12.83
C ASP B 33 -25.09 23.51 12.63
N LEU B 34 -25.83 22.49 12.20
CA LEU B 34 -25.24 21.18 11.98
C LEU B 34 -24.40 21.18 10.72
N LEU B 35 -24.87 21.83 9.66
CA LEU B 35 -24.09 21.87 8.42
C LEU B 35 -22.81 22.68 8.61
N ARG B 36 -22.89 23.82 9.30
CA ARG B 36 -21.70 24.62 9.62
C ARG B 36 -20.67 23.78 10.37
N GLU B 37 -21.12 23.05 11.40
CA GLU B 37 -20.22 22.23 12.18
C GLU B 37 -19.68 21.04 11.37
N ARG B 38 -20.55 20.42 10.58
CA ARG B 38 -20.09 19.31 9.75
C ARG B 38 -19.06 19.78 8.72
N ALA B 39 -19.31 20.94 8.12
CA ALA B 39 -18.38 21.46 7.13
C ALA B 39 -17.01 21.70 7.74
N ALA B 40 -16.96 22.24 8.96
CA ALA B 40 -15.70 22.47 9.66
C ALA B 40 -15.05 21.15 10.06
N HIS B 41 -15.84 20.18 10.51
CA HIS B 41 -15.32 18.83 10.77
C HIS B 41 -14.64 18.27 9.53
N TYR B 42 -15.33 18.29 8.40
CA TYR B 42 -14.81 17.64 7.20
C TYR B 42 -13.59 18.37 6.66
N ALA B 43 -13.60 19.71 6.71
CA ALA B 43 -12.43 20.46 6.30
C ALA B 43 -11.21 20.10 7.15
N ALA B 44 -11.41 19.90 8.45
CA ALA B 44 -10.28 19.53 9.33
C ALA B 44 -9.79 18.11 9.03
N GLU B 45 -10.71 17.19 8.75
CA GLU B 45 -10.30 15.84 8.36
C GLU B 45 -9.48 15.86 7.09
N ALA B 46 -9.96 16.58 6.07
CA ALA B 46 -9.22 16.66 4.82
C ALA B 46 -7.82 17.25 5.06
N ALA B 47 -7.74 18.26 5.91
CA ALA B 47 -6.45 18.86 6.24
C ALA B 47 -5.58 17.89 7.03
N LEU B 48 -6.21 17.05 7.84
CA LEU B 48 -5.48 16.04 8.60
CA LEU B 48 -5.48 16.04 8.60
C LEU B 48 -4.81 15.04 7.66
N PHE B 49 -5.58 14.50 6.69
CA PHE B 49 -5.03 13.55 5.75
C PHE B 49 -3.99 14.21 4.84
N LEU B 50 -4.20 15.48 4.47
CA LEU B 50 -3.18 16.18 3.68
C LEU B 50 -1.83 16.18 4.39
N ARG B 51 -1.83 16.51 5.69
CA ARG B 51 -0.56 16.53 6.41
CA ARG B 51 -0.58 16.52 6.45
C ARG B 51 0.05 15.14 6.48
N ASP B 52 -0.78 14.09 6.60
CA ASP B 52 -0.25 12.74 6.63
C ASP B 52 0.30 12.34 5.28
N GLN B 53 -0.25 12.94 4.22
CA GLN B 53 0.25 12.68 2.87
C GLN B 53 1.61 13.32 2.68
N ALA B 54 1.85 14.46 3.34
CA ALA B 54 3.18 15.07 3.33
C ALA B 54 4.19 14.20 4.07
N LEU B 55 3.80 13.65 5.22
CA LEU B 55 4.67 12.72 5.94
C LEU B 55 4.98 11.50 5.08
N SER B 56 3.94 10.96 4.42
CA SER B 56 4.13 9.82 3.54
C SER B 56 5.05 10.16 2.37
N THR B 57 4.85 11.33 1.77
CA THR B 57 5.68 11.74 0.63
C THR B 57 7.15 11.82 1.05
N ALA B 58 7.43 12.42 2.20
CA ALA B 58 8.81 12.52 2.66
C ALA B 58 9.39 11.14 2.98
N SER B 59 8.61 10.28 3.64
CA SER B 59 9.06 8.92 3.94
C SER B 59 9.50 8.18 2.68
N HIS B 60 8.68 8.20 1.63
CA HIS B 60 9.03 7.48 0.41
C HIS B 60 10.19 8.16 -0.30
N ASP B 61 10.15 9.48 -0.44
CA ASP B 61 11.09 10.14 -1.33
C ASP B 61 12.47 10.33 -0.70
N LEU B 62 12.58 10.33 0.63
CA LEU B 62 13.90 10.45 1.24
C LEU B 62 14.77 9.24 0.92
N ARG B 63 14.15 8.09 0.64
CA ARG B 63 14.89 6.84 0.55
C ARG B 63 15.74 6.78 -0.71
N SER B 64 15.29 7.41 -1.80
CA SER B 64 16.09 7.37 -3.03
C SER B 64 17.44 8.09 -2.87
N PRO B 65 17.51 9.32 -2.36
CA PRO B 65 18.84 9.92 -2.12
C PRO B 65 19.69 9.12 -1.15
N LEU B 66 19.09 8.60 -0.07
CA LEU B 66 19.86 7.86 0.91
C LEU B 66 20.46 6.60 0.32
N ASN B 67 19.70 5.93 -0.56
CA ASN B 67 20.20 4.76 -1.26
C ASN B 67 21.29 5.15 -2.25
N ALA B 68 21.09 6.27 -2.95
CA ALA B 68 22.13 6.81 -3.83
C ALA B 68 23.43 7.06 -3.06
N MET B 69 23.31 7.65 -1.86
CA MET B 69 24.47 7.97 -1.04
C MET B 69 25.19 6.71 -0.57
N HIS B 70 24.43 5.68 -0.20
CA HIS B 70 25.03 4.39 0.12
C HIS B 70 25.92 3.92 -1.03
N SER B 71 25.46 4.07 -2.27
CA SER B 71 26.26 3.61 -3.41
C SER B 71 27.47 4.50 -3.63
N TRP B 72 27.31 5.82 -3.50
CA TRP B 72 28.47 6.70 -3.68
C TRP B 72 29.51 6.48 -2.59
N ALA B 73 29.08 6.30 -1.34
CA ALA B 73 30.01 5.96 -0.28
C ALA B 73 30.75 4.68 -0.60
N TYR B 74 30.05 3.71 -1.22
CA TYR B 74 30.69 2.47 -1.60
C TYR B 74 31.76 2.69 -2.67
N VAL B 75 31.48 3.55 -3.65
CA VAL B 75 32.47 3.86 -4.68
C VAL B 75 33.71 4.50 -4.04
N LEU B 76 33.51 5.37 -3.06
CA LEU B 76 34.64 5.95 -2.35
C LEU B 76 35.41 4.90 -1.55
N GLU B 77 34.71 4.05 -0.80
CA GLU B 77 35.39 3.04 0.00
C GLU B 77 36.20 2.08 -0.86
N ARG B 78 35.77 1.85 -2.12
CA ARG B 78 36.53 0.96 -2.99
C ARG B 78 37.84 1.58 -3.43
N GLN B 79 37.92 2.92 -3.47
CA GLN B 79 39.15 3.59 -3.86
C GLN B 79 39.95 4.11 -2.67
N LEU B 80 39.43 3.97 -1.45
CA LEU B 80 40.16 4.34 -0.24
C LEU B 80 40.48 3.13 0.64
N ALA B 81 40.20 1.92 0.16
CA ALA B 81 40.44 0.71 0.93
C ALA B 81 41.90 0.63 1.39
N SER B 82 42.84 0.47 0.46
CA SER B 82 44.25 0.47 0.81
C SER B 82 44.84 1.87 0.99
N ALA B 83 43.99 2.89 1.13
CA ALA B 83 44.46 4.24 1.41
C ALA B 83 44.71 4.40 2.90
N ASP B 84 45.11 5.61 3.30
CA ASP B 84 45.47 5.86 4.69
C ASP B 84 44.25 5.66 5.60
N PRO B 85 44.41 4.97 6.73
CA PRO B 85 43.28 4.80 7.65
C PRO B 85 42.73 6.10 8.20
N SER B 86 43.52 7.19 8.14
CA SER B 86 43.10 8.47 8.70
C SER B 86 41.78 8.96 8.12
N LEU B 87 41.50 8.65 6.85
CA LEU B 87 40.28 9.11 6.21
C LEU B 87 39.09 8.18 6.43
N GLN B 88 39.30 7.00 6.99
CA GLN B 88 38.19 6.08 7.22
C GLN B 88 37.20 6.65 8.23
N ARG B 89 37.67 7.50 9.16
CA ARG B 89 36.78 8.11 10.13
C ARG B 89 35.69 8.94 9.43
N ALA B 90 36.00 9.49 8.27
CA ALA B 90 35.04 10.32 7.54
C ALA B 90 33.99 9.44 6.86
N LEU B 91 34.43 8.44 6.08
CA LEU B 91 33.49 7.53 5.45
C LEU B 91 32.62 6.81 6.48
N ALA B 92 33.19 6.48 7.64
CA ALA B 92 32.39 5.88 8.70
C ALA B 92 31.30 6.84 9.17
N GLY B 93 31.65 8.12 9.33
CA GLY B 93 30.65 9.09 9.76
C GLY B 93 29.57 9.34 8.73
N ILE B 94 29.98 9.41 7.45
CA ILE B 94 28.99 9.55 6.37
C ILE B 94 28.04 8.37 6.38
N ARG B 95 28.58 7.14 6.43
CA ARG B 95 27.72 5.97 6.49
C ARG B 95 26.82 5.99 7.72
N THR B 96 27.38 6.38 8.87
CA THR B 96 26.59 6.48 10.10
C THR B 96 25.45 7.48 9.92
N GLY B 97 25.73 8.63 9.27
CA GLY B 97 24.68 9.58 9.01
C GLY B 97 23.60 9.04 8.10
N ILE B 98 24.01 8.32 7.04
CA ILE B 98 23.04 7.70 6.14
C ILE B 98 22.13 6.76 6.93
N ASP B 99 22.74 5.92 7.78
CA ASP B 99 21.95 4.91 8.49
C ASP B 99 21.11 5.52 9.60
N GLN B 100 21.61 6.59 10.24
CA GLN B 100 20.81 7.33 11.21
C GLN B 100 19.55 7.87 10.58
N GLN B 101 19.68 8.47 9.39
CA GLN B 101 18.53 9.03 8.71
C GLN B 101 17.50 7.97 8.37
N VAL B 102 17.95 6.77 8.01
CA VAL B 102 17.02 5.69 7.69
C VAL B 102 16.24 5.28 8.93
N ALA B 103 16.93 5.21 10.08
CA ALA B 103 16.25 4.87 11.32
C ALA B 103 15.27 5.96 11.75
N LEU B 104 15.61 7.22 11.51
CA LEU B 104 14.71 8.31 11.90
C LEU B 104 13.40 8.27 11.14
N ILE B 105 13.43 7.87 9.86
CA ILE B 105 12.26 7.98 8.99
C ILE B 105 11.07 7.25 9.60
N ASP B 106 11.30 6.04 10.11
CA ASP B 106 10.26 5.26 10.75
C ASP B 106 9.65 5.99 11.95
N ASP B 107 10.49 6.56 12.81
CA ASP B 107 10.01 7.16 14.06
CA ASP B 107 9.98 7.14 14.05
C ASP B 107 9.28 8.48 13.81
N VAL B 108 9.81 9.32 12.92
CA VAL B 108 9.29 10.68 12.80
C VAL B 108 8.39 10.90 11.60
N LEU B 109 8.40 10.00 10.62
CA LEU B 109 7.49 10.12 9.49
C LEU B 109 6.41 9.05 9.45
N ASP B 110 6.75 7.80 9.76
CA ASP B 110 5.82 6.68 9.63
C ASP B 110 4.96 6.49 10.87
N ALA B 111 5.53 6.65 12.07
CA ALA B 111 4.74 6.45 13.28
C ALA B 111 3.56 7.42 13.37
N PRO B 112 3.71 8.72 13.13
CA PRO B 112 2.56 9.62 13.32
C PRO B 112 1.45 9.41 12.30
N ARG B 113 1.76 8.85 11.13
CA ARG B 113 0.79 8.73 10.06
C ARG B 113 0.11 7.37 9.99
N ALA B 114 0.49 6.44 10.88
CA ALA B 114 0.02 5.05 10.79
C ALA B 114 -1.50 4.95 10.83
N GLU B 115 -2.17 5.83 11.57
CA GLU B 115 -3.62 5.66 11.75
CA GLU B 115 -3.62 5.71 11.77
C GLU B 115 -4.41 6.05 10.51
N THR B 116 -3.89 6.92 9.65
CA THR B 116 -4.57 7.19 8.37
C THR B 116 -4.02 6.35 7.24
N ARG B 117 -2.73 5.96 7.33
CA ARG B 117 -2.15 5.05 6.36
C ARG B 117 -2.97 3.77 6.22
N THR B 118 -3.41 3.20 7.35
CA THR B 118 -4.28 2.03 7.35
C THR B 118 -5.53 2.42 8.12
N LEU B 119 -6.46 3.08 7.42
CA LEU B 119 -7.63 3.65 8.04
C LEU B 119 -8.58 2.54 8.48
N ALA B 120 -8.86 2.47 9.78
CA ALA B 120 -9.88 1.57 10.29
C ALA B 120 -11.27 2.10 9.95
N ILE B 121 -12.13 1.23 9.42
CA ILE B 121 -13.49 1.61 9.05
C ILE B 121 -14.45 0.56 9.59
N THR B 122 -15.74 0.88 9.49
CA THR B 122 -16.81 -0.04 9.88
C THR B 122 -17.90 0.02 8.82
N ALA B 123 -18.00 -1.06 8.04
CA ALA B 123 -18.96 -1.13 6.95
C ALA B 123 -20.33 -1.54 7.48
N GLN B 124 -21.37 -0.84 7.06
CA GLN B 124 -22.74 -1.20 7.42
C GLN B 124 -23.65 -0.78 6.28
N PRO B 125 -24.76 -1.47 6.06
CA PRO B 125 -25.70 -1.04 5.01
C PRO B 125 -26.30 0.31 5.33
N PHE B 126 -26.41 1.16 4.31
CA PHE B 126 -27.18 2.40 4.40
C PHE B 126 -27.69 2.74 3.01
N ALA B 127 -28.79 3.50 2.98
CA ALA B 127 -29.36 3.93 1.72
C ALA B 127 -28.49 5.02 1.10
N LEU B 128 -28.19 4.89 -0.19
CA LEU B 128 -27.27 5.82 -0.83
C LEU B 128 -27.90 7.18 -1.09
N ARG B 129 -29.17 7.21 -1.51
CA ARG B 129 -29.78 8.48 -1.93
C ARG B 129 -29.81 9.51 -0.81
N PRO B 130 -30.23 9.20 0.42
CA PRO B 130 -30.17 10.23 1.47
C PRO B 130 -28.76 10.73 1.72
N LEU B 131 -27.75 9.89 1.52
CA LEU B 131 -26.38 10.35 1.70
C LEU B 131 -26.00 11.35 0.62
N LEU B 132 -26.39 11.07 -0.63
CA LEU B 132 -26.07 12.01 -1.71
C LEU B 132 -26.81 13.34 -1.51
N ASP B 133 -28.07 13.29 -1.08
CA ASP B 133 -28.79 14.53 -0.77
C ASP B 133 -28.12 15.30 0.35
N ASP B 134 -27.78 14.62 1.46
CA ASP B 134 -27.06 15.27 2.54
C ASP B 134 -25.78 15.91 2.04
N THR B 135 -25.04 15.18 1.21
CA THR B 135 -23.75 15.67 0.73
C THR B 135 -23.93 16.94 -0.11
N LEU B 136 -24.88 16.93 -1.05
CA LEU B 136 -25.17 18.10 -1.87
C LEU B 136 -25.53 19.31 -1.03
N ALA B 137 -26.42 19.13 -0.05
CA ALA B 137 -26.80 20.26 0.80
C ALA B 137 -25.58 20.83 1.54
N LEU B 138 -24.70 19.95 1.99
CA LEU B 138 -23.53 20.40 2.75
C LEU B 138 -22.56 21.21 1.87
N VAL B 139 -22.21 20.69 0.69
CA VAL B 139 -21.30 21.44 -0.18
C VAL B 139 -21.93 22.76 -0.63
N ARG B 140 -23.23 22.75 -0.93
CA ARG B 140 -23.90 23.99 -1.31
C ARG B 140 -23.85 24.99 -0.16
N PHE B 141 -24.21 24.55 1.04
CA PHE B 141 -24.21 25.46 2.18
C PHE B 141 -22.82 26.02 2.45
N ALA B 142 -21.81 25.17 2.33
CA ALA B 142 -20.49 25.49 2.86
C ALA B 142 -19.62 26.26 1.88
N LEU B 143 -19.80 26.07 0.57
CA LEU B 143 -18.95 26.76 -0.39
C LEU B 143 -19.59 27.00 -1.76
N ALA B 144 -20.35 26.03 -2.30
CA ALA B 144 -20.75 26.12 -3.69
C ALA B 144 -21.63 27.34 -3.96
N ASP B 145 -22.62 27.60 -3.08
CA ASP B 145 -23.50 28.75 -3.32
C ASP B 145 -22.71 30.06 -3.28
N ALA B 146 -21.84 30.23 -2.27
CA ALA B 146 -21.09 31.48 -2.19
C ALA B 146 -20.17 31.64 -3.40
N ARG B 147 -19.76 30.54 -4.01
CA ARG B 147 -18.85 30.58 -5.15
C ARG B 147 -19.59 30.66 -6.48
N GLN B 148 -20.92 30.67 -6.45
CA GLN B 148 -21.75 30.70 -7.66
C GLN B 148 -21.40 29.54 -8.58
N VAL B 149 -21.24 28.36 -8.00
CA VAL B 149 -21.01 27.12 -8.73
C VAL B 149 -22.21 26.22 -8.49
N SER B 150 -22.86 25.80 -9.56
CA SER B 150 -23.99 24.88 -9.44
C SER B 150 -23.48 23.44 -9.46
N ILE B 151 -24.11 22.59 -8.68
CA ILE B 151 -23.79 21.17 -8.67
C ILE B 151 -25.02 20.45 -9.20
N ASP B 152 -24.97 20.01 -10.46
CA ASP B 152 -26.07 19.25 -11.07
C ASP B 152 -25.84 17.76 -10.89
N ALA B 153 -26.83 17.05 -10.37
CA ALA B 153 -26.65 15.70 -9.86
C ALA B 153 -27.51 14.71 -10.63
N THR B 154 -26.94 13.53 -10.88
CA THR B 154 -27.68 12.36 -11.35
C THR B 154 -27.71 11.38 -10.20
N LEU B 155 -28.86 11.29 -9.54
CA LEU B 155 -29.02 10.34 -8.45
C LEU B 155 -29.66 9.06 -8.97
N PRO B 156 -29.29 7.91 -8.43
CA PRO B 156 -29.62 6.65 -9.09
C PRO B 156 -31.08 6.25 -8.93
N ASP B 157 -31.57 5.52 -9.92
CA ASP B 157 -32.93 5.00 -9.88
C ASP B 157 -33.08 3.96 -8.77
N GLY B 158 -34.33 3.64 -8.43
CA GLY B 158 -34.58 2.74 -7.33
C GLY B 158 -34.18 3.37 -6.00
N GLU B 159 -34.06 2.52 -4.99
CA GLU B 159 -33.58 2.92 -3.67
C GLU B 159 -32.34 2.10 -3.31
N PRO B 160 -31.25 2.26 -4.04
CA PRO B 160 -30.09 1.39 -3.82
C PRO B 160 -29.43 1.65 -2.47
N SER B 161 -28.86 0.59 -1.92
CA SER B 161 -28.18 0.66 -0.63
C SER B 161 -26.72 0.27 -0.81
N LEU B 162 -25.92 0.67 0.17
CA LEU B 162 -24.48 0.46 0.16
C LEU B 162 -24.07 -0.06 1.53
N SER B 163 -23.21 -1.07 1.55
CA SER B 163 -22.58 -1.53 2.78
C SER B 163 -21.16 -0.98 2.79
N ALA B 164 -20.97 0.10 3.53
CA ALA B 164 -19.69 0.78 3.60
C ALA B 164 -19.71 1.62 4.87
N ASP B 165 -18.58 2.28 5.14
CA ASP B 165 -18.50 3.20 6.26
C ASP B 165 -19.14 4.52 5.84
N ARG B 166 -20.40 4.71 6.24
CA ARG B 166 -21.19 5.84 5.77
C ARG B 166 -20.53 7.17 6.08
N GLU B 167 -20.02 7.32 7.31
CA GLU B 167 -19.35 8.58 7.68
C GLU B 167 -18.10 8.84 6.83
N ARG B 168 -17.26 7.82 6.66
CA ARG B 168 -16.06 8.01 5.84
C ARG B 168 -16.41 8.27 4.37
N VAL B 169 -17.42 7.55 3.84
CA VAL B 169 -17.85 7.83 2.47
C VAL B 169 -18.36 9.27 2.38
N ALA B 170 -19.13 9.71 3.37
CA ALA B 170 -19.65 11.08 3.38
C ALA B 170 -18.51 12.09 3.32
N GLN B 171 -17.42 11.83 4.07
CA GLN B 171 -16.27 12.73 4.05
C GLN B 171 -15.57 12.71 2.70
N ALA B 172 -15.43 11.53 2.09
CA ALA B 172 -14.77 11.44 0.78
C ALA B 172 -15.58 12.16 -0.29
N LEU B 173 -16.89 11.93 -0.31
CA LEU B 173 -17.76 12.63 -1.25
C LEU B 173 -17.69 14.13 -1.06
N TRP B 174 -17.78 14.59 0.20
CA TRP B 174 -17.70 16.02 0.46
C TRP B 174 -16.37 16.57 -0.05
N THR B 175 -15.27 15.83 0.18
CA THR B 175 -13.95 16.31 -0.20
C THR B 175 -13.78 16.40 -1.72
N MET B 176 -14.21 15.37 -2.45
CA MET B 176 -14.16 15.41 -3.91
C MET B 176 -14.96 16.59 -4.47
N LEU B 177 -16.22 16.70 -4.04
CA LEU B 177 -17.08 17.75 -4.57
CA LEU B 177 -17.09 17.74 -4.56
C LEU B 177 -16.57 19.14 -4.20
N THR B 178 -16.11 19.30 -2.96
CA THR B 178 -15.61 20.61 -2.54
C THR B 178 -14.35 20.99 -3.32
N THR B 179 -13.48 20.02 -3.61
CA THR B 179 -12.30 20.27 -4.43
C THR B 179 -12.69 20.67 -5.85
N ALA B 180 -13.64 19.94 -6.45
CA ALA B 180 -14.18 20.33 -7.75
C ALA B 180 -14.71 21.75 -7.71
N VAL B 181 -15.47 22.08 -6.66
CA VAL B 181 -16.00 23.43 -6.52
C VAL B 181 -14.88 24.45 -6.37
N GLU B 182 -13.85 24.11 -5.59
CA GLU B 182 -12.70 25.01 -5.41
C GLU B 182 -12.06 25.37 -6.74
N ALA B 183 -12.00 24.41 -7.66
CA ALA B 183 -11.41 24.62 -8.98
C ALA B 183 -12.31 25.37 -9.96
N SER B 184 -13.51 25.79 -9.57
CA SER B 184 -14.52 26.28 -10.52
C SER B 184 -14.70 27.79 -10.40
N ALA B 185 -14.68 28.49 -11.53
CA ALA B 185 -15.04 29.90 -11.57
C ALA B 185 -16.55 30.10 -11.45
N ALA B 186 -16.92 31.33 -11.07
CA ALA B 186 -18.32 31.70 -10.92
C ALA B 186 -19.08 31.48 -12.22
N GLY B 187 -20.33 31.05 -12.10
CA GLY B 187 -21.16 30.76 -13.26
C GLY B 187 -20.92 29.42 -13.91
N ASN B 188 -20.02 28.61 -13.36
CA ASN B 188 -19.77 27.29 -13.92
C ASN B 188 -20.52 26.24 -13.10
N ARG B 189 -20.59 25.04 -13.65
CA ARG B 189 -21.23 23.95 -12.93
C ARG B 189 -20.25 22.81 -12.70
N VAL B 190 -20.61 21.97 -11.74
CA VAL B 190 -19.93 20.71 -11.45
C VAL B 190 -20.99 19.62 -11.61
N THR B 191 -20.65 18.56 -12.32
CA THR B 191 -21.57 17.44 -12.45
C THR B 191 -21.19 16.34 -11.47
N PHE B 192 -22.19 15.53 -11.09
CA PHE B 192 -22.07 14.57 -10.00
C PHE B 192 -23.01 13.41 -10.29
N ALA B 193 -22.47 12.20 -10.42
CA ALA B 193 -23.26 11.04 -10.80
C ALA B 193 -22.71 9.78 -10.10
N CYS B 194 -23.62 8.88 -9.71
CA CYS B 194 -23.28 7.58 -9.13
C CYS B 194 -23.84 6.46 -9.99
N THR B 195 -23.00 5.48 -10.30
CA THR B 195 -23.43 4.31 -11.05
C THR B 195 -22.97 3.06 -10.31
N ARG B 196 -23.30 1.92 -10.90
CA ARG B 196 -22.79 0.62 -10.44
C ARG B 196 -22.09 -0.05 -11.63
N ASP B 197 -20.79 -0.29 -11.48
CA ASP B 197 -19.99 -1.02 -12.47
C ASP B 197 -19.83 -2.44 -11.96
N GLY B 198 -20.82 -3.29 -12.25
CA GLY B 198 -20.78 -4.66 -11.79
C GLY B 198 -20.85 -4.76 -10.28
N ALA B 199 -19.71 -5.04 -9.64
CA ALA B 199 -19.65 -5.12 -8.19
C ALA B 199 -19.13 -3.84 -7.54
N GLN B 200 -18.77 -2.83 -8.33
CA GLN B 200 -18.25 -1.57 -7.80
C GLN B 200 -19.34 -0.50 -7.86
N CYS B 201 -19.42 0.28 -6.79
CA CYS B 201 -20.30 1.44 -6.72
C CYS B 201 -19.42 2.68 -6.85
N VAL B 202 -19.67 3.48 -7.89
CA VAL B 202 -18.76 4.52 -8.33
C VAL B 202 -19.47 5.87 -8.31
N ALA B 203 -18.79 6.88 -7.78
CA ALA B 203 -19.26 8.25 -7.80
C ALA B 203 -18.29 9.09 -8.61
N HIS B 204 -18.83 9.79 -9.61
CA HIS B 204 -18.05 10.65 -10.51
C HIS B 204 -18.39 12.11 -10.26
N VAL B 205 -17.35 12.93 -10.22
CA VAL B 205 -17.47 14.38 -10.12
C VAL B 205 -16.65 14.99 -11.25
N THR B 206 -17.27 15.84 -12.07
CA THR B 206 -16.56 16.46 -13.17
C THR B 206 -16.64 17.98 -13.07
N CYS B 207 -15.51 18.64 -13.33
CA CYS B 207 -15.40 20.09 -13.23
C CYS B 207 -14.54 20.61 -14.37
N GLY B 208 -14.61 21.93 -14.56
CA GLY B 208 -13.73 22.65 -15.47
C GLY B 208 -12.83 23.56 -14.67
N VAL B 209 -11.53 23.41 -14.82
CA VAL B 209 -10.56 23.97 -13.88
C VAL B 209 -10.24 25.41 -14.25
N SER B 210 -10.42 26.32 -13.28
CA SER B 210 -9.95 27.70 -13.37
C SER B 210 -8.82 27.88 -12.34
N ALA B 211 -7.58 27.96 -12.82
CA ALA B 211 -6.48 28.22 -11.90
C ALA B 211 -6.63 29.59 -11.25
N ALA B 212 -7.17 30.57 -11.96
CA ALA B 212 -7.35 31.88 -11.36
C ALA B 212 -8.31 31.82 -10.19
N ALA B 213 -9.44 31.12 -10.36
CA ALA B 213 -10.39 31.00 -9.27
C ALA B 213 -9.78 30.21 -8.11
N LEU B 214 -9.03 29.16 -8.42
CA LEU B 214 -8.45 28.33 -7.38
CA LEU B 214 -8.44 28.33 -7.37
C LEU B 214 -7.53 29.14 -6.47
N ALA B 215 -6.79 30.09 -7.03
CA ALA B 215 -5.77 30.84 -6.30
C ALA B 215 -6.24 32.21 -5.80
N ASP B 216 -7.42 32.66 -6.18
CA ASP B 216 -7.91 34.02 -5.90
C ASP B 216 -8.21 34.25 -4.42
N PRO B 217 -7.41 35.03 -3.68
CA PRO B 217 -7.69 35.23 -2.25
C PRO B 217 -8.98 35.96 -1.99
N ALA B 218 -9.53 36.66 -2.99
CA ALA B 218 -10.78 37.38 -2.79
C ALA B 218 -11.99 36.45 -2.75
N LEU B 219 -11.87 35.23 -3.30
CA LEU B 219 -12.98 34.29 -3.29
C LEU B 219 -12.99 33.44 -2.01
N PRO B 220 -14.16 32.99 -1.58
CA PRO B 220 -14.22 32.05 -0.45
C PRO B 220 -13.53 30.73 -0.79
N HIS B 221 -13.06 30.06 0.26
CA HIS B 221 -12.29 28.82 0.09
C HIS B 221 -12.54 27.92 1.29
N ALA B 222 -12.64 26.62 1.03
CA ALA B 222 -12.70 25.64 2.10
C ALA B 222 -11.31 25.19 2.54
N PHE B 223 -10.35 25.19 1.61
CA PHE B 223 -9.02 24.65 1.81
C PHE B 223 -8.02 25.79 1.78
N ASP B 224 -6.88 25.61 2.47
CA ASP B 224 -5.98 26.74 2.60
C ASP B 224 -5.17 26.91 1.30
N ALA B 225 -4.34 27.95 1.29
CA ALA B 225 -3.68 28.37 0.06
C ALA B 225 -2.70 27.30 -0.43
N PHE B 226 -1.97 26.66 0.49
CA PHE B 226 -1.05 25.62 0.08
C PHE B 226 -1.78 24.44 -0.54
N ALA B 227 -2.85 23.99 0.11
CA ALA B 227 -3.64 22.89 -0.45
C ALA B 227 -4.04 23.18 -1.89
N ARG B 228 -4.50 24.41 -2.16
CA ARG B 228 -4.94 24.75 -3.52
C ARG B 228 -3.77 24.93 -4.46
N ARG B 229 -2.63 25.39 -3.96
CA ARG B 229 -1.43 25.49 -4.79
C ARG B 229 -0.91 24.10 -5.18
N GLU B 230 -0.96 23.14 -4.26
CA GLU B 230 -0.42 21.81 -4.53
C GLU B 230 -1.23 21.06 -5.58
N MET B 231 -2.55 21.28 -5.61
CA MET B 231 -3.40 20.74 -6.68
C MET B 231 -2.84 21.03 -8.06
N LEU B 232 -2.26 22.21 -8.26
CA LEU B 232 -1.81 22.63 -9.58
C LEU B 232 -0.39 22.19 -9.91
N ARG B 233 0.37 21.67 -8.94
CA ARG B 233 1.78 21.31 -9.16
C ARG B 233 1.92 19.98 -9.90
N LYS B 238 -0.09 8.35 -10.35
CA LYS B 238 -0.21 7.48 -9.18
C LYS B 238 -0.45 8.30 -7.90
N ARG B 239 -0.14 9.60 -8.00
CA ARG B 239 -0.09 10.49 -6.85
C ARG B 239 -1.24 11.49 -6.90
N VAL B 240 -2.20 11.30 -6.00
CA VAL B 240 -3.33 12.23 -5.90
C VAL B 240 -2.84 13.59 -5.39
N ALA B 241 -3.62 14.62 -5.71
CA ALA B 241 -3.46 15.88 -5.01
C ALA B 241 -3.61 15.64 -3.52
N TRP B 242 -2.75 16.29 -2.73
CA TRP B 242 -2.73 16.06 -1.28
C TRP B 242 -4.08 16.38 -0.65
N VAL B 243 -4.77 17.41 -1.13
CA VAL B 243 -6.08 17.73 -0.55
C VAL B 243 -7.07 16.56 -0.73
N LEU B 244 -6.83 15.66 -1.69
CA LEU B 244 -7.73 14.54 -1.94
C LEU B 244 -7.29 13.27 -1.25
N ALA B 245 -6.23 13.34 -0.44
CA ALA B 245 -5.68 12.14 0.20
C ALA B 245 -6.73 11.40 1.01
N LEU B 246 -7.60 12.13 1.73
CA LEU B 246 -8.66 11.47 2.47
C LEU B 246 -9.47 10.55 1.55
N CYS B 247 -9.78 11.01 0.33
CA CYS B 247 -10.55 10.18 -0.60
C CYS B 247 -9.79 8.91 -0.94
N GLN B 248 -8.49 9.03 -1.18
CA GLN B 248 -7.67 7.86 -1.49
C GLN B 248 -7.67 6.87 -0.33
N ARG B 249 -7.49 7.37 0.91
CA ARG B 249 -7.36 6.45 2.04
C ARG B 249 -8.69 5.77 2.34
N VAL B 250 -9.78 6.52 2.24
CA VAL B 250 -11.10 5.94 2.45
C VAL B 250 -11.40 4.89 1.38
N ALA B 251 -11.06 5.19 0.13
CA ALA B 251 -11.24 4.20 -0.93
C ALA B 251 -10.44 2.94 -0.63
N LEU B 252 -9.15 3.12 -0.32
CA LEU B 252 -8.28 1.97 -0.04
C LEU B 252 -8.80 1.15 1.14
N ALA B 253 -9.30 1.81 2.19
CA ALA B 253 -9.76 1.07 3.35
C ALA B 253 -10.95 0.18 3.01
N HIS B 254 -11.72 0.56 1.99
CA HIS B 254 -12.88 -0.20 1.54
C HIS B 254 -12.56 -1.28 0.52
N GLY B 255 -11.29 -1.44 0.13
CA GLY B 255 -10.98 -2.28 -1.02
C GLY B 255 -11.33 -1.67 -2.36
N GLY B 256 -11.49 -0.33 -2.40
CA GLY B 256 -11.82 0.39 -3.62
C GLY B 256 -10.66 1.22 -4.13
N THR B 257 -10.98 2.19 -4.98
CA THR B 257 -9.97 3.01 -5.62
C THR B 257 -10.47 4.46 -5.73
N PHE B 258 -9.52 5.39 -5.80
CA PHE B 258 -9.82 6.78 -6.09
C PHE B 258 -8.94 7.24 -7.25
N THR B 259 -9.55 7.85 -8.26
CA THR B 259 -8.85 8.24 -9.47
C THR B 259 -9.19 9.69 -9.82
N HIS B 260 -8.19 10.46 -10.22
CA HIS B 260 -8.49 11.78 -10.77
C HIS B 260 -7.37 12.21 -11.70
N ALA B 261 -7.73 13.03 -12.68
CA ALA B 261 -6.78 13.63 -13.59
C ALA B 261 -6.17 14.91 -12.98
N ALA B 262 -5.03 15.32 -13.52
CA ALA B 262 -4.29 16.42 -12.92
C ALA B 262 -5.07 17.72 -13.09
N PHE B 263 -5.16 18.49 -12.02
CA PHE B 263 -5.69 19.84 -12.13
C PHE B 263 -4.72 20.72 -12.89
N ALA B 264 -5.17 21.25 -14.02
CA ALA B 264 -4.43 22.18 -14.83
C ALA B 264 -5.44 23.15 -15.44
N ASP B 265 -5.00 24.40 -15.62
CA ASP B 265 -5.92 25.45 -16.03
C ASP B 265 -6.60 25.10 -17.35
N GLY B 266 -7.92 25.25 -17.39
CA GLY B 266 -8.70 24.97 -18.58
C GLY B 266 -9.01 23.51 -18.83
N ALA B 267 -8.56 22.60 -17.97
CA ALA B 267 -8.81 21.18 -18.18
C ALA B 267 -10.21 20.80 -17.69
N VAL B 268 -10.77 19.77 -18.30
CA VAL B 268 -11.98 19.13 -17.79
C VAL B 268 -11.55 17.87 -17.05
N VAL B 269 -11.77 17.85 -15.74
CA VAL B 269 -11.22 16.83 -14.86
C VAL B 269 -12.36 16.08 -14.17
N THR B 270 -12.24 14.76 -14.11
CA THR B 270 -13.18 13.92 -13.36
C THR B 270 -12.47 13.27 -12.18
N LEU B 271 -13.14 13.29 -11.03
CA LEU B 271 -12.69 12.57 -9.84
C LEU B 271 -13.66 11.40 -9.65
N SER B 272 -13.10 10.20 -9.46
CA SER B 272 -13.88 8.97 -9.42
C SER B 272 -13.55 8.19 -8.15
N LEU B 273 -14.57 7.93 -7.34
CA LEU B 273 -14.46 7.14 -6.13
C LEU B 273 -15.26 5.85 -6.33
N ALA B 274 -14.58 4.70 -6.25
CA ALA B 274 -15.25 3.42 -6.40
C ALA B 274 -15.04 2.61 -5.13
N VAL B 275 -16.12 2.11 -4.54
CA VAL B 275 -16.02 1.16 -3.43
C VAL B 275 -16.85 -0.06 -3.80
N PRO B 276 -16.51 -1.25 -3.31
CA PRO B 276 -17.39 -2.41 -3.52
C PRO B 276 -18.76 -2.11 -2.93
N CYS B 277 -19.82 -2.52 -3.66
CA CYS B 277 -21.16 -2.27 -3.18
C CYS B 277 -21.47 -3.10 -1.94
N LYS B 278 -21.03 -4.36 -1.92
CA LYS B 278 -21.14 -5.22 -0.75
C LYS B 278 -19.76 -5.32 -0.11
N ALA B 279 -19.67 -5.00 1.17
CA ALA B 279 -18.42 -5.12 1.90
C ALA B 279 -18.12 -6.58 2.24
N VAL C 28 15.69 -32.17 14.29
CA VAL C 28 16.43 -31.84 13.07
C VAL C 28 16.42 -33.05 12.14
N ASP C 29 15.82 -32.87 10.96
CA ASP C 29 15.69 -33.94 9.96
C ASP C 29 15.88 -33.38 8.55
N PRO C 30 17.04 -33.63 7.92
CA PRO C 30 17.29 -33.06 6.59
C PRO C 30 16.44 -33.69 5.49
N ALA C 31 16.00 -34.94 5.64
CA ALA C 31 15.16 -35.57 4.62
C ALA C 31 13.74 -35.03 4.66
N ALA C 32 13.24 -34.68 5.85
CA ALA C 32 11.98 -33.96 5.94
C ALA C 32 12.12 -32.53 5.44
N ASP C 33 13.25 -31.88 5.75
CA ASP C 33 13.52 -30.56 5.19
C ASP C 33 13.44 -30.58 3.68
N LEU C 34 13.98 -31.64 3.05
CA LEU C 34 13.91 -31.75 1.61
C LEU C 34 12.46 -31.89 1.13
N LEU C 35 11.66 -32.70 1.81
CA LEU C 35 10.28 -32.90 1.36
C LEU C 35 9.45 -31.62 1.54
N ARG C 36 9.66 -30.90 2.64
CA ARG C 36 8.97 -29.62 2.81
C ARG C 36 9.34 -28.66 1.69
N GLU C 37 10.63 -28.59 1.37
CA GLU C 37 11.08 -27.67 0.33
C GLU C 37 10.53 -28.07 -1.04
N ARG C 38 10.45 -29.38 -1.30
CA ARG C 38 9.95 -29.83 -2.60
C ARG C 38 8.45 -29.58 -2.73
N ALA C 39 7.68 -29.87 -1.68
CA ALA C 39 6.27 -29.55 -1.67
C ALA C 39 6.04 -28.06 -1.85
N ALA C 40 6.85 -27.24 -1.17
CA ALA C 40 6.71 -25.79 -1.33
C ALA C 40 7.10 -25.36 -2.74
N HIS C 41 8.15 -25.94 -3.29
CA HIS C 41 8.52 -25.66 -4.68
C HIS C 41 7.37 -25.98 -5.62
N TYR C 42 6.81 -27.18 -5.48
CA TYR C 42 5.76 -27.61 -6.41
C TYR C 42 4.53 -26.73 -6.30
N ALA C 43 4.16 -26.33 -5.07
CA ALA C 43 3.02 -25.42 -4.90
C ALA C 43 3.28 -24.08 -5.60
N ALA C 44 4.52 -23.61 -5.58
CA ALA C 44 4.82 -22.34 -6.23
C ALA C 44 4.82 -22.49 -7.75
N GLU C 45 5.21 -23.66 -8.26
CA GLU C 45 5.13 -23.89 -9.70
C GLU C 45 3.67 -23.89 -10.16
N ALA C 46 2.81 -24.59 -9.42
CA ALA C 46 1.40 -24.62 -9.77
C ALA C 46 0.81 -23.22 -9.72
N ALA C 47 1.15 -22.44 -8.69
CA ALA C 47 0.69 -21.06 -8.60
C ALA C 47 1.27 -20.20 -9.71
N LEU C 48 2.50 -20.51 -10.11
CA LEU C 48 3.13 -19.77 -11.21
CA LEU C 48 3.13 -19.77 -11.21
C LEU C 48 2.38 -19.98 -12.52
N PHE C 49 1.99 -21.22 -12.82
CA PHE C 49 1.24 -21.47 -14.05
C PHE C 49 -0.16 -20.89 -13.98
N LEU C 50 -0.77 -20.86 -12.78
CA LEU C 50 -2.06 -20.19 -12.63
C LEU C 50 -1.93 -18.71 -12.98
N ARG C 51 -0.85 -18.05 -12.55
CA ARG C 51 -0.66 -16.64 -12.90
C ARG C 51 -0.49 -16.44 -14.40
N ASP C 52 0.16 -17.38 -15.10
CA ASP C 52 0.20 -17.30 -16.57
C ASP C 52 -1.21 -17.34 -17.14
N GLN C 53 -2.07 -18.22 -16.64
CA GLN C 53 -3.45 -18.24 -17.13
C GLN C 53 -4.15 -16.93 -16.83
N ALA C 54 -3.98 -16.39 -15.61
CA ALA C 54 -4.61 -15.12 -15.26
C ALA C 54 -4.18 -14.01 -16.19
N LEU C 55 -2.87 -13.87 -16.45
CA LEU C 55 -2.40 -12.88 -17.40
C LEU C 55 -3.02 -13.08 -18.78
N SER C 56 -3.09 -14.33 -19.23
CA SER C 56 -3.65 -14.60 -20.55
C SER C 56 -5.14 -14.25 -20.61
N THR C 57 -5.89 -14.66 -19.60
CA THR C 57 -7.31 -14.35 -19.54
C THR C 57 -7.53 -12.85 -19.40
N ALA C 58 -6.71 -12.18 -18.59
CA ALA C 58 -6.82 -10.74 -18.44
C ALA C 58 -6.56 -10.04 -19.77
N SER C 59 -5.53 -10.46 -20.49
CA SER C 59 -5.26 -9.85 -21.78
C SER C 59 -6.45 -10.04 -22.72
N HIS C 60 -7.04 -11.23 -22.74
CA HIS C 60 -8.17 -11.49 -23.63
C HIS C 60 -9.40 -10.69 -23.21
N ASP C 61 -9.75 -10.73 -21.92
CA ASP C 61 -11.01 -10.12 -21.48
C ASP C 61 -10.96 -8.60 -21.55
N LEU C 62 -9.81 -8.00 -21.26
CA LEU C 62 -9.70 -6.54 -21.33
C LEU C 62 -9.77 -6.02 -22.76
N ARG C 63 -9.49 -6.85 -23.77
CA ARG C 63 -9.61 -6.40 -25.15
C ARG C 63 -11.06 -6.28 -25.61
N SER C 64 -11.98 -7.04 -25.02
CA SER C 64 -13.37 -6.95 -25.47
C SER C 64 -13.95 -5.57 -25.26
N PRO C 65 -13.91 -4.96 -24.07
CA PRO C 65 -14.36 -3.56 -23.96
C PRO C 65 -13.56 -2.61 -24.83
N LEU C 66 -12.27 -2.85 -25.03
CA LEU C 66 -11.49 -1.98 -25.92
C LEU C 66 -11.97 -2.06 -27.35
N ASN C 67 -12.26 -3.28 -27.82
CA ASN C 67 -12.83 -3.41 -29.15
C ASN C 67 -14.15 -2.65 -29.24
N ALA C 68 -14.94 -2.67 -28.16
CA ALA C 68 -16.23 -2.00 -28.17
C ALA C 68 -16.04 -0.49 -28.17
N MET C 69 -15.16 0.00 -27.29
CA MET C 69 -14.84 1.44 -27.30
C MET C 69 -14.35 1.87 -28.68
N HIS C 70 -13.49 1.07 -29.29
CA HIS C 70 -12.93 1.47 -30.58
C HIS C 70 -14.01 1.53 -31.66
N SER C 71 -14.82 0.48 -31.77
CA SER C 71 -15.75 0.44 -32.89
C SER C 71 -16.85 1.48 -32.75
N TRP C 72 -17.28 1.80 -31.52
CA TRP C 72 -18.23 2.91 -31.35
C TRP C 72 -17.57 4.25 -31.59
N ALA C 73 -16.29 4.39 -31.25
CA ALA C 73 -15.57 5.62 -31.57
C ALA C 73 -15.41 5.77 -33.07
N TYR C 74 -15.25 4.66 -33.78
CA TYR C 74 -15.17 4.70 -35.24
C TYR C 74 -16.47 5.24 -35.84
N VAL C 75 -17.62 4.80 -35.31
CA VAL C 75 -18.90 5.31 -35.75
C VAL C 75 -18.93 6.84 -35.66
N LEU C 76 -18.44 7.38 -34.54
CA LEU C 76 -18.42 8.83 -34.35
C LEU C 76 -17.46 9.49 -35.33
N GLU C 77 -16.22 8.98 -35.41
CA GLU C 77 -15.26 9.52 -36.36
C GLU C 77 -15.89 9.70 -37.73
N ARG C 78 -16.55 8.64 -38.22
CA ARG C 78 -17.13 8.68 -39.56
C ARG C 78 -18.17 9.78 -39.67
N GLN C 79 -19.09 9.85 -38.72
CA GLN C 79 -20.15 10.84 -38.77
C GLN C 79 -19.68 12.25 -38.47
N LEU C 80 -18.40 12.45 -38.11
CA LEU C 80 -17.90 13.76 -37.73
C LEU C 80 -16.61 14.10 -38.46
N ALA C 81 -16.44 13.58 -39.68
CA ALA C 81 -15.26 13.96 -40.47
C ALA C 81 -15.22 15.46 -40.71
N SER C 82 -16.39 16.08 -40.88
CA SER C 82 -16.49 17.54 -41.01
C SER C 82 -16.76 18.12 -39.62
N ALA C 83 -15.70 18.17 -38.80
CA ALA C 83 -15.81 18.67 -37.44
C ALA C 83 -14.80 19.78 -37.21
N ASP C 84 -15.23 20.78 -36.47
CA ASP C 84 -14.38 21.89 -36.06
C ASP C 84 -13.25 21.38 -35.16
N PRO C 85 -12.25 22.21 -34.87
CA PRO C 85 -11.09 21.72 -34.08
C PRO C 85 -11.43 21.09 -32.74
N SER C 86 -12.40 21.63 -31.99
CA SER C 86 -12.65 21.13 -30.64
C SER C 86 -13.27 19.74 -30.64
N LEU C 87 -14.13 19.43 -31.62
CA LEU C 87 -14.65 18.06 -31.71
C LEU C 87 -13.54 17.08 -32.07
N GLN C 88 -12.65 17.47 -32.97
CA GLN C 88 -11.55 16.60 -33.36
C GLN C 88 -10.59 16.36 -32.20
N ARG C 89 -10.35 17.40 -31.40
CA ARG C 89 -9.53 17.25 -30.21
C ARG C 89 -10.16 16.25 -29.25
N ALA C 90 -11.45 16.37 -29.00
CA ALA C 90 -12.12 15.47 -28.07
C ALA C 90 -12.13 14.04 -28.60
N LEU C 91 -12.33 13.87 -29.91
CA LEU C 91 -12.26 12.53 -30.49
C LEU C 91 -10.84 11.96 -30.39
N ALA C 92 -9.82 12.82 -30.55
CA ALA C 92 -8.46 12.34 -30.37
C ALA C 92 -8.21 11.94 -28.92
N GLY C 93 -8.87 12.61 -27.97
CA GLY C 93 -8.76 12.19 -26.59
C GLY C 93 -9.30 10.79 -26.35
N ILE C 94 -10.47 10.49 -26.93
CA ILE C 94 -11.03 9.15 -26.87
C ILE C 94 -10.05 8.14 -27.46
N ARG C 95 -9.51 8.45 -28.64
CA ARG C 95 -8.59 7.55 -29.33
C ARG C 95 -7.32 7.33 -28.50
N THR C 96 -6.81 8.39 -27.88
CA THR C 96 -5.62 8.26 -27.04
C THR C 96 -5.87 7.34 -25.86
N GLY C 97 -7.02 7.52 -25.18
CA GLY C 97 -7.36 6.63 -24.09
C GLY C 97 -7.39 5.17 -24.50
N ILE C 98 -7.91 4.90 -25.69
CA ILE C 98 -7.92 3.52 -26.20
C ILE C 98 -6.50 3.04 -26.47
N ASP C 99 -5.72 3.85 -27.19
CA ASP C 99 -4.34 3.48 -27.54
C ASP C 99 -3.50 3.19 -26.29
N GLN C 100 -3.67 3.98 -25.24
CA GLN C 100 -2.88 3.78 -24.03
C GLN C 100 -3.22 2.46 -23.35
N GLN C 101 -4.49 2.04 -23.40
CA GLN C 101 -4.88 0.76 -22.83
C GLN C 101 -4.37 -0.41 -23.67
N VAL C 102 -4.35 -0.25 -24.99
CA VAL C 102 -3.76 -1.26 -25.85
C VAL C 102 -2.29 -1.44 -25.50
N ALA C 103 -1.56 -0.33 -25.37
CA ALA C 103 -0.13 -0.40 -25.13
C ALA C 103 0.17 -0.98 -23.75
N LEU C 104 -0.69 -0.68 -22.77
CA LEU C 104 -0.54 -1.26 -21.44
C LEU C 104 -0.69 -2.77 -21.49
N ILE C 105 -1.70 -3.26 -22.21
CA ILE C 105 -1.90 -4.69 -22.35
C ILE C 105 -0.71 -5.35 -23.04
N ASP C 106 -0.23 -4.74 -24.14
CA ASP C 106 0.97 -5.24 -24.80
C ASP C 106 2.16 -5.28 -23.84
N ASP C 107 2.40 -4.15 -23.19
CA ASP C 107 3.62 -3.96 -22.42
C ASP C 107 3.60 -4.71 -21.09
N VAL C 108 2.43 -4.91 -20.50
CA VAL C 108 2.34 -5.35 -19.12
C VAL C 108 1.78 -6.76 -19.00
N LEU C 109 0.84 -7.13 -19.87
CA LEU C 109 0.19 -8.44 -19.75
C LEU C 109 0.61 -9.46 -20.79
N ASP C 110 1.04 -9.02 -21.97
CA ASP C 110 1.48 -9.93 -23.03
C ASP C 110 3.00 -10.12 -23.02
N ALA C 111 3.76 -9.06 -22.79
CA ALA C 111 5.22 -9.14 -22.79
C ALA C 111 5.77 -10.17 -21.82
N PRO C 112 5.31 -10.28 -20.56
CA PRO C 112 5.85 -11.30 -19.65
C PRO C 112 5.70 -12.74 -20.14
N ARG C 113 4.90 -12.99 -21.17
CA ARG C 113 4.65 -14.34 -21.65
C ARG C 113 5.21 -14.58 -23.05
N ALA C 114 6.17 -13.74 -23.48
CA ALA C 114 6.67 -13.82 -24.85
C ALA C 114 7.31 -15.18 -25.14
N GLU C 115 8.29 -15.58 -24.32
CA GLU C 115 8.96 -16.86 -24.52
C GLU C 115 8.41 -17.99 -23.65
N THR C 116 7.55 -17.67 -22.67
CA THR C 116 7.03 -18.69 -21.77
C THR C 116 5.82 -19.43 -22.32
N ARG C 117 5.24 -18.94 -23.43
CA ARG C 117 4.01 -19.53 -23.95
C ARG C 117 4.19 -20.99 -24.34
N THR C 118 5.37 -21.35 -24.84
CA THR C 118 5.70 -22.72 -25.20
C THR C 118 6.61 -23.32 -24.13
N LEU C 119 6.16 -24.40 -23.49
CA LEU C 119 6.85 -24.98 -22.35
C LEU C 119 7.93 -25.95 -22.84
N ALA C 120 9.19 -25.64 -22.52
CA ALA C 120 10.30 -26.51 -22.87
C ALA C 120 10.47 -27.59 -21.81
N ILE C 121 10.79 -28.81 -22.26
CA ILE C 121 10.99 -29.95 -21.39
C ILE C 121 12.24 -30.70 -21.86
N THR C 122 12.73 -31.59 -21.00
CA THR C 122 13.89 -32.42 -21.32
C THR C 122 13.54 -33.87 -21.01
N ALA C 123 13.28 -34.65 -22.06
CA ALA C 123 12.92 -36.05 -21.87
C ALA C 123 14.16 -36.89 -21.60
N GLN C 124 14.10 -37.73 -20.57
CA GLN C 124 15.10 -38.74 -20.27
C GLN C 124 14.38 -39.90 -19.60
N PRO C 125 14.88 -41.13 -19.76
CA PRO C 125 14.17 -42.28 -19.18
C PRO C 125 14.24 -42.27 -17.66
N PHE C 126 13.15 -42.68 -17.02
CA PHE C 126 13.16 -42.87 -15.58
C PHE C 126 12.15 -43.94 -15.22
N ALA C 127 12.41 -44.63 -14.11
CA ALA C 127 11.49 -45.65 -13.60
C ALA C 127 10.24 -44.98 -13.06
N LEU C 128 9.08 -45.36 -13.62
CA LEU C 128 7.83 -44.68 -13.28
C LEU C 128 7.40 -44.97 -11.84
N ARG C 129 7.49 -46.22 -11.42
CA ARG C 129 6.96 -46.60 -10.10
C ARG C 129 7.60 -45.81 -8.95
N PRO C 130 8.94 -45.67 -8.85
CA PRO C 130 9.51 -44.80 -7.80
C PRO C 130 8.99 -43.37 -7.81
N LEU C 131 8.82 -42.78 -8.99
CA LEU C 131 8.23 -41.44 -9.04
C LEU C 131 6.83 -41.44 -8.45
N LEU C 132 6.03 -42.45 -8.78
CA LEU C 132 4.69 -42.56 -8.21
C LEU C 132 4.75 -42.72 -6.70
N ASP C 133 5.65 -43.58 -6.22
CA ASP C 133 5.86 -43.73 -4.78
C ASP C 133 6.24 -42.40 -4.13
N ASP C 134 7.22 -41.69 -4.70
CA ASP C 134 7.64 -40.41 -4.13
C ASP C 134 6.50 -39.41 -4.14
N THR C 135 5.75 -39.36 -5.24
CA THR C 135 4.61 -38.45 -5.31
C THR C 135 3.60 -38.76 -4.20
N LEU C 136 3.21 -40.02 -4.09
CA LEU C 136 2.32 -40.48 -3.02
C LEU C 136 2.81 -40.03 -1.65
N ALA C 137 4.06 -40.38 -1.33
CA ALA C 137 4.62 -40.01 -0.03
C ALA C 137 4.62 -38.50 0.16
N LEU C 138 4.84 -37.75 -0.91
CA LEU C 138 4.97 -36.30 -0.76
C LEU C 138 3.61 -35.67 -0.43
N VAL C 139 2.55 -36.09 -1.12
CA VAL C 139 1.23 -35.51 -0.86
C VAL C 139 0.72 -35.92 0.52
N ARG C 140 1.00 -37.17 0.94
CA ARG C 140 0.66 -37.56 2.31
C ARG C 140 1.41 -36.71 3.32
N PHE C 141 2.72 -36.51 3.11
CA PHE C 141 3.52 -35.72 4.05
C PHE C 141 3.06 -34.27 4.09
N ALA C 142 2.79 -33.68 2.95
CA ALA C 142 2.60 -32.24 2.86
C ALA C 142 1.16 -31.78 3.08
N LEU C 143 0.17 -32.66 2.90
CA LEU C 143 -1.21 -32.22 3.04
C LEU C 143 -2.19 -33.32 3.44
N ALA C 144 -2.14 -34.49 2.79
CA ALA C 144 -3.25 -35.43 2.93
C ALA C 144 -3.34 -35.97 4.35
N ASP C 145 -2.19 -36.20 5.00
CA ASP C 145 -2.22 -36.68 6.38
C ASP C 145 -2.84 -35.65 7.31
N ALA C 146 -2.39 -34.39 7.21
CA ALA C 146 -3.00 -33.33 8.01
C ALA C 146 -4.51 -33.21 7.76
N ARG C 147 -4.95 -33.43 6.52
CA ARG C 147 -6.36 -33.24 6.18
C ARG C 147 -7.23 -34.46 6.49
N GLN C 148 -6.63 -35.55 6.97
CA GLN C 148 -7.35 -36.80 7.24
C GLN C 148 -8.00 -37.36 5.97
N VAL C 149 -7.32 -37.20 4.85
CA VAL C 149 -7.75 -37.76 3.58
C VAL C 149 -6.83 -38.93 3.28
N SER C 150 -7.42 -40.12 3.13
CA SER C 150 -6.64 -41.30 2.76
C SER C 150 -6.44 -41.34 1.26
N ILE C 151 -5.33 -41.89 0.83
CA ILE C 151 -5.05 -42.07 -0.59
C ILE C 151 -4.85 -43.56 -0.86
N ASP C 152 -5.77 -44.14 -1.64
CA ASP C 152 -5.72 -45.54 -2.06
C ASP C 152 -5.00 -45.61 -3.40
N ALA C 153 -3.77 -46.12 -3.39
CA ALA C 153 -2.94 -46.16 -4.59
C ALA C 153 -2.99 -47.54 -5.22
N THR C 154 -3.13 -47.55 -6.54
CA THR C 154 -3.05 -48.75 -7.38
C THR C 154 -1.94 -48.46 -8.38
N LEU C 155 -0.80 -49.12 -8.19
CA LEU C 155 0.35 -48.73 -8.99
C LEU C 155 0.76 -49.84 -9.92
N PRO C 156 1.31 -49.51 -11.09
CA PRO C 156 1.64 -50.55 -12.07
C PRO C 156 2.70 -51.51 -11.54
N ASP C 157 2.47 -52.80 -11.78
CA ASP C 157 3.41 -53.84 -11.38
C ASP C 157 4.58 -53.89 -12.37
N GLY C 158 5.59 -54.68 -12.03
CA GLY C 158 6.83 -54.63 -12.79
C GLY C 158 7.56 -53.31 -12.56
N GLU C 159 8.55 -53.07 -13.41
CA GLU C 159 9.38 -51.86 -13.34
C GLU C 159 9.27 -51.07 -14.64
N PRO C 160 8.10 -50.55 -14.98
CA PRO C 160 7.97 -49.79 -16.22
C PRO C 160 8.74 -48.48 -16.14
N SER C 161 9.22 -48.05 -17.30
CA SER C 161 9.95 -46.80 -17.42
C SER C 161 9.28 -45.94 -18.47
N LEU C 162 9.62 -44.66 -18.43
CA LEU C 162 9.05 -43.61 -19.27
C LEU C 162 10.19 -42.69 -19.69
N SER C 163 10.20 -42.29 -20.95
CA SER C 163 11.05 -41.18 -21.40
C SER C 163 10.21 -39.90 -21.35
N ALA C 164 10.48 -39.05 -20.35
CA ALA C 164 9.75 -37.81 -20.18
C ALA C 164 10.60 -36.91 -19.29
N ASP C 165 10.13 -35.68 -19.09
CA ASP C 165 10.75 -34.75 -18.15
C ASP C 165 10.30 -35.16 -16.75
N ARG C 166 11.18 -35.86 -16.03
CA ARG C 166 10.80 -36.41 -14.72
C ARG C 166 10.33 -35.33 -13.75
N GLU C 167 11.02 -34.19 -13.73
CA GLU C 167 10.68 -33.13 -12.78
C GLU C 167 9.33 -32.50 -13.12
N ARG C 168 9.04 -32.26 -14.39
CA ARG C 168 7.74 -31.70 -14.75
C ARG C 168 6.61 -32.71 -14.52
N VAL C 169 6.83 -33.98 -14.87
CA VAL C 169 5.81 -35.00 -14.59
C VAL C 169 5.59 -35.13 -13.08
N ALA C 170 6.67 -35.06 -12.30
CA ALA C 170 6.55 -35.07 -10.85
C ALA C 170 5.65 -33.95 -10.36
N GLN C 171 5.88 -32.74 -10.87
CA GLN C 171 5.04 -31.60 -10.50
C GLN C 171 3.59 -31.82 -10.95
N ALA C 172 3.38 -32.35 -12.16
CA ALA C 172 2.02 -32.55 -12.64
C ALA C 172 1.27 -33.56 -11.78
N LEU C 173 1.92 -34.69 -11.46
CA LEU C 173 1.32 -35.69 -10.58
C LEU C 173 1.01 -35.09 -9.21
N TRP C 174 1.96 -34.35 -8.63
CA TRP C 174 1.74 -33.78 -7.32
C TRP C 174 0.56 -32.79 -7.35
N THR C 175 0.44 -32.03 -8.44
CA THR C 175 -0.60 -31.00 -8.50
C THR C 175 -2.00 -31.61 -8.61
N MET C 176 -2.18 -32.60 -9.51
CA MET C 176 -3.47 -33.30 -9.61
C MET C 176 -3.86 -33.92 -8.28
N LEU C 177 -2.92 -34.64 -7.67
CA LEU C 177 -3.24 -35.39 -6.46
C LEU C 177 -3.54 -34.46 -5.31
N THR C 178 -2.77 -33.38 -5.20
CA THR C 178 -3.00 -32.41 -4.13
C THR C 178 -4.30 -31.65 -4.35
N THR C 179 -4.65 -31.37 -5.59
CA THR C 179 -5.94 -30.73 -5.86
C THR C 179 -7.09 -31.62 -5.42
N ALA C 180 -7.00 -32.94 -5.68
CA ALA C 180 -8.06 -33.86 -5.27
C ALA C 180 -8.15 -33.95 -3.74
N VAL C 181 -7.00 -33.94 -3.07
CA VAL C 181 -7.01 -33.92 -1.61
C VAL C 181 -7.64 -32.62 -1.10
N GLU C 182 -7.31 -31.49 -1.73
CA GLU C 182 -7.89 -30.20 -1.34
C GLU C 182 -9.41 -30.20 -1.43
N ALA C 183 -9.99 -30.93 -2.38
CA ALA C 183 -11.43 -30.99 -2.54
C ALA C 183 -12.10 -32.01 -1.63
N SER C 184 -11.35 -32.69 -0.75
CA SER C 184 -11.85 -33.81 0.02
C SER C 184 -12.00 -33.42 1.49
N ALA C 185 -13.12 -33.80 2.09
CA ALA C 185 -13.36 -33.60 3.51
C ALA C 185 -12.67 -34.70 4.33
N ALA C 186 -12.44 -34.39 5.60
CA ALA C 186 -11.76 -35.34 6.47
C ALA C 186 -12.53 -36.66 6.55
N GLY C 187 -11.79 -37.77 6.57
CA GLY C 187 -12.39 -39.08 6.60
C GLY C 187 -12.66 -39.70 5.24
N ASN C 188 -12.59 -38.91 4.16
CA ASN C 188 -12.84 -39.42 2.82
C ASN C 188 -11.55 -39.90 2.18
N ARG C 189 -11.68 -40.48 0.99
CA ARG C 189 -10.56 -41.11 0.31
C ARG C 189 -10.40 -40.54 -1.11
N VAL C 190 -9.17 -40.56 -1.58
CA VAL C 190 -8.80 -40.21 -2.94
C VAL C 190 -8.15 -41.44 -3.55
N THR C 191 -8.55 -41.82 -4.75
CA THR C 191 -7.93 -42.96 -5.42
C THR C 191 -6.91 -42.45 -6.43
N PHE C 192 -5.78 -43.15 -6.50
CA PHE C 192 -4.62 -42.78 -7.31
C PHE C 192 -4.23 -44.01 -8.09
N ALA C 193 -4.81 -44.19 -9.27
CA ALA C 193 -4.53 -45.36 -10.12
C ALA C 193 -3.69 -44.93 -11.31
N CYS C 194 -2.63 -45.67 -11.57
CA CYS C 194 -1.76 -45.36 -12.70
C CYS C 194 -1.46 -46.66 -13.43
N THR C 195 -1.60 -46.61 -14.74
CA THR C 195 -1.32 -47.75 -15.59
C THR C 195 -0.30 -47.33 -16.64
N ARG C 196 0.24 -48.33 -17.34
CA ARG C 196 1.23 -48.05 -18.38
C ARG C 196 1.32 -49.29 -19.26
N ASP C 197 0.71 -49.23 -20.44
CA ASP C 197 0.81 -50.26 -21.44
C ASP C 197 1.83 -49.83 -22.52
N GLY C 198 1.79 -50.47 -23.69
CA GLY C 198 2.72 -50.12 -24.74
C GLY C 198 2.47 -48.79 -25.42
N ALA C 199 1.33 -48.15 -25.15
CA ALA C 199 0.91 -46.92 -25.80
C ALA C 199 1.06 -45.70 -24.90
N GLN C 200 0.36 -45.69 -23.77
CA GLN C 200 0.32 -44.50 -22.93
C GLN C 200 0.42 -44.86 -21.47
N CYS C 201 1.06 -43.98 -20.72
CA CYS C 201 1.09 -44.05 -19.28
CA CYS C 201 1.08 -44.04 -19.27
C CYS C 201 0.03 -43.07 -18.75
N VAL C 202 -1.00 -43.60 -18.07
CA VAL C 202 -2.17 -42.80 -17.66
C VAL C 202 -2.33 -42.80 -16.15
N ALA C 203 -2.45 -41.61 -15.57
CA ALA C 203 -2.74 -41.44 -14.16
C ALA C 203 -4.16 -40.94 -14.00
N HIS C 204 -4.94 -41.64 -13.17
CA HIS C 204 -6.31 -41.24 -12.82
C HIS C 204 -6.36 -40.97 -11.33
N VAL C 205 -6.81 -39.76 -10.96
CA VAL C 205 -7.01 -39.37 -9.57
C VAL C 205 -8.49 -39.04 -9.42
N THR C 206 -9.16 -39.75 -8.51
CA THR C 206 -10.59 -39.58 -8.30
C THR C 206 -10.85 -39.13 -6.86
N CYS C 207 -11.76 -38.15 -6.71
CA CYS C 207 -12.16 -37.63 -5.41
C CYS C 207 -13.67 -37.39 -5.40
N GLY C 208 -14.22 -37.31 -4.18
CA GLY C 208 -15.57 -36.83 -3.96
C GLY C 208 -15.53 -35.42 -3.41
N VAL C 209 -16.11 -34.48 -4.16
CA VAL C 209 -15.87 -33.06 -3.94
C VAL C 209 -16.67 -32.57 -2.73
N SER C 210 -15.98 -31.93 -1.80
CA SER C 210 -16.63 -31.20 -0.70
C SER C 210 -16.31 -29.71 -0.82
N ALA C 211 -17.28 -28.92 -1.28
CA ALA C 211 -17.05 -27.49 -1.43
C ALA C 211 -16.74 -26.83 -0.10
N ALA C 212 -17.34 -27.32 0.99
CA ALA C 212 -17.11 -26.70 2.29
C ALA C 212 -15.65 -26.86 2.71
N ALA C 213 -15.12 -28.08 2.59
CA ALA C 213 -13.71 -28.33 2.95
C ALA C 213 -12.75 -27.60 2.03
N LEU C 214 -13.11 -27.50 0.75
CA LEU C 214 -12.27 -26.78 -0.21
C LEU C 214 -12.14 -25.31 0.15
N ALA C 215 -13.17 -24.72 0.76
CA ALA C 215 -13.18 -23.29 1.07
C ALA C 215 -12.90 -22.98 2.53
N ASP C 216 -12.80 -23.99 3.38
CA ASP C 216 -12.74 -23.76 4.82
C ASP C 216 -11.43 -23.07 5.20
N PRO C 217 -11.48 -21.85 5.73
CA PRO C 217 -10.23 -21.19 6.14
C PRO C 217 -9.50 -21.93 7.25
N ALA C 218 -10.24 -22.67 8.10
CA ALA C 218 -9.65 -23.34 9.24
C ALA C 218 -8.82 -24.56 8.88
N LEU C 219 -8.90 -25.06 7.63
CA LEU C 219 -8.18 -26.27 7.29
C LEU C 219 -6.87 -25.96 6.60
N PRO C 220 -5.87 -26.82 6.72
CA PRO C 220 -4.66 -26.67 5.92
C PRO C 220 -4.96 -26.66 4.42
N HIS C 221 -4.21 -25.86 3.67
CA HIS C 221 -4.32 -25.79 2.22
C HIS C 221 -2.94 -25.66 1.60
N ALA C 222 -2.77 -26.25 0.42
CA ALA C 222 -1.58 -26.06 -0.39
C ALA C 222 -1.69 -24.87 -1.32
N PHE C 223 -2.91 -24.57 -1.79
CA PHE C 223 -3.20 -23.52 -2.77
C PHE C 223 -3.97 -22.38 -2.09
N ASP C 224 -3.90 -21.19 -2.69
CA ASP C 224 -4.54 -20.05 -2.06
C ASP C 224 -6.06 -20.05 -2.33
N ALA C 225 -6.77 -19.11 -1.71
CA ALA C 225 -8.22 -19.12 -1.75
C ALA C 225 -8.75 -18.87 -3.15
N PHE C 226 -8.07 -18.01 -3.93
CA PHE C 226 -8.53 -17.73 -5.29
C PHE C 226 -8.49 -19.00 -6.14
N ALA C 227 -7.40 -19.76 -6.04
CA ALA C 227 -7.27 -20.99 -6.80
C ALA C 227 -8.38 -21.97 -6.42
N ARG C 228 -8.73 -22.03 -5.14
CA ARG C 228 -9.75 -22.97 -4.67
C ARG C 228 -11.16 -22.49 -4.97
N ARG C 229 -11.37 -21.18 -5.11
CA ARG C 229 -12.62 -20.66 -5.65
C ARG C 229 -12.70 -20.86 -7.16
N GLU C 230 -11.63 -20.49 -7.88
CA GLU C 230 -11.65 -20.57 -9.34
C GLU C 230 -11.99 -21.98 -9.81
N MET C 231 -11.49 -23.00 -9.09
CA MET C 231 -11.78 -24.42 -9.36
C MET C 231 -13.27 -24.69 -9.57
N LEU C 232 -14.13 -23.96 -8.87
CA LEU C 232 -15.54 -24.26 -8.92
C LEU C 232 -16.26 -23.58 -10.07
N ARG C 233 -15.57 -22.75 -10.84
CA ARG C 233 -16.23 -22.12 -11.98
C ARG C 233 -16.38 -23.10 -13.14
N SER C 234 -17.48 -22.93 -13.90
CA SER C 234 -17.62 -23.65 -15.16
C SER C 234 -16.75 -23.00 -16.23
N ARG C 235 -16.44 -23.75 -17.29
CA ARG C 235 -15.51 -23.28 -18.30
C ARG C 235 -15.72 -24.07 -19.57
N ASP C 236 -15.15 -23.57 -20.67
CA ASP C 236 -15.22 -24.26 -21.95
C ASP C 236 -14.56 -25.64 -21.87
N ALA C 237 -14.98 -26.52 -22.77
CA ALA C 237 -14.55 -27.93 -22.73
C ALA C 237 -13.04 -28.06 -22.87
N LYS C 238 -12.42 -27.18 -23.65
CA LYS C 238 -10.97 -27.23 -23.86
C LYS C 238 -10.19 -26.86 -22.62
N ARG C 239 -10.84 -26.35 -21.57
CA ARG C 239 -10.15 -25.65 -20.49
C ARG C 239 -10.21 -26.43 -19.19
N VAL C 240 -9.21 -26.23 -18.33
CA VAL C 240 -9.16 -26.86 -17.03
C VAL C 240 -9.12 -25.78 -15.96
N ALA C 241 -9.45 -26.18 -14.72
CA ALA C 241 -9.24 -25.32 -13.57
C ALA C 241 -7.82 -24.74 -13.58
N TRP C 242 -7.70 -23.44 -13.27
CA TRP C 242 -6.43 -22.74 -13.39
C TRP C 242 -5.37 -23.31 -12.44
N VAL C 243 -5.79 -23.84 -11.29
CA VAL C 243 -4.80 -24.47 -10.43
C VAL C 243 -4.20 -25.73 -11.08
N LEU C 244 -4.85 -26.26 -12.12
CA LEU C 244 -4.38 -27.43 -12.85
C LEU C 244 -3.67 -27.06 -14.14
N ALA C 245 -3.41 -25.76 -14.35
CA ALA C 245 -2.81 -25.33 -15.60
C ALA C 245 -1.46 -26.00 -15.82
N LEU C 246 -0.67 -26.16 -14.75
CA LEU C 246 0.61 -26.83 -14.90
C LEU C 246 0.42 -28.22 -15.52
N CYS C 247 -0.56 -28.97 -15.01
CA CYS C 247 -0.83 -30.31 -15.53
C CYS C 247 -1.13 -30.30 -17.02
N GLN C 248 -2.00 -29.38 -17.43
CA GLN C 248 -2.39 -29.31 -18.85
C GLN C 248 -1.19 -28.98 -19.72
N ARG C 249 -0.41 -27.97 -19.34
CA ARG C 249 0.72 -27.58 -20.17
C ARG C 249 1.84 -28.62 -20.15
N VAL C 250 2.05 -29.29 -19.01
CA VAL C 250 3.04 -30.36 -19.00
C VAL C 250 2.58 -31.52 -19.88
N ALA C 251 1.30 -31.87 -19.80
CA ALA C 251 0.77 -32.94 -20.66
C ALA C 251 0.95 -32.61 -22.13
N LEU C 252 0.67 -31.35 -22.51
CA LEU C 252 0.78 -30.96 -23.91
C LEU C 252 2.24 -30.94 -24.37
N ALA C 253 3.15 -30.50 -23.49
CA ALA C 253 4.56 -30.47 -23.88
C ALA C 253 5.09 -31.88 -24.17
N HIS C 254 4.54 -32.90 -23.51
CA HIS C 254 4.91 -34.29 -23.77
C HIS C 254 4.07 -34.92 -24.89
N GLY C 255 3.22 -34.16 -25.57
CA GLY C 255 2.35 -34.78 -26.56
C GLY C 255 1.27 -35.64 -25.95
N GLY C 256 0.88 -35.36 -24.71
CA GLY C 256 -0.17 -36.12 -24.07
C GLY C 256 -1.36 -35.23 -23.77
N THR C 257 -2.22 -35.67 -22.87
CA THR C 257 -3.44 -34.94 -22.56
C THR C 257 -3.67 -34.90 -21.06
N PHE C 258 -4.45 -33.92 -20.65
CA PHE C 258 -4.91 -33.75 -19.28
C PHE C 258 -6.34 -33.28 -19.29
N THR C 259 -7.18 -33.89 -18.43
CA THR C 259 -8.58 -33.51 -18.35
C THR C 259 -9.13 -33.82 -16.94
N HIS C 260 -10.23 -33.17 -16.60
CA HIS C 260 -10.96 -33.46 -15.38
C HIS C 260 -12.42 -33.08 -15.57
N ALA C 261 -13.30 -33.78 -14.85
CA ALA C 261 -14.69 -33.33 -14.80
C ALA C 261 -14.82 -32.11 -13.89
N ALA C 262 -15.90 -31.36 -14.10
CA ALA C 262 -16.09 -30.10 -13.39
C ALA C 262 -16.16 -30.33 -11.88
N PHE C 263 -15.47 -29.48 -11.13
CA PHE C 263 -15.58 -29.52 -9.67
C PHE C 263 -16.89 -28.89 -9.23
N ALA C 264 -17.70 -29.64 -8.49
CA ALA C 264 -18.95 -29.13 -7.95
C ALA C 264 -19.25 -29.93 -6.69
N ASP C 265 -19.92 -29.28 -5.74
CA ASP C 265 -20.17 -29.91 -4.44
C ASP C 265 -20.96 -31.20 -4.61
N GLY C 266 -20.44 -32.27 -4.02
CA GLY C 266 -21.07 -33.58 -4.11
C GLY C 266 -20.70 -34.37 -5.35
N ALA C 267 -19.92 -33.82 -6.27
CA ALA C 267 -19.54 -34.56 -7.46
C ALA C 267 -18.39 -35.52 -7.17
N VAL C 268 -18.41 -36.64 -7.88
CA VAL C 268 -17.24 -37.51 -7.99
C VAL C 268 -16.48 -37.09 -9.24
N VAL C 269 -15.22 -36.67 -9.05
CA VAL C 269 -14.43 -36.06 -10.10
C VAL C 269 -13.16 -36.87 -10.29
N THR C 270 -12.88 -37.23 -11.55
CA THR C 270 -11.63 -37.88 -11.91
C THR C 270 -10.78 -36.90 -12.72
N LEU C 271 -9.52 -36.77 -12.33
CA LEU C 271 -8.51 -36.02 -13.06
C LEU C 271 -7.59 -37.01 -13.77
N SER C 272 -7.33 -36.80 -15.06
CA SER C 272 -6.68 -37.81 -15.89
C SER C 272 -5.51 -37.20 -16.63
N LEU C 273 -4.32 -37.78 -16.46
CA LEU C 273 -3.10 -37.35 -17.11
C LEU C 273 -2.54 -38.50 -17.93
N ALA C 274 -2.40 -38.30 -19.24
CA ALA C 274 -1.88 -39.32 -20.15
C ALA C 274 -0.69 -38.76 -20.92
N VAL C 275 0.41 -39.51 -20.95
CA VAL C 275 1.56 -39.15 -21.76
C VAL C 275 2.03 -40.39 -22.52
N PRO C 276 2.61 -40.24 -23.71
CA PRO C 276 3.14 -41.40 -24.43
C PRO C 276 4.27 -42.06 -23.65
N CYS C 277 4.35 -43.38 -23.75
CA CYS C 277 5.51 -44.07 -23.15
CA CYS C 277 5.47 -44.12 -23.18
C CYS C 277 6.49 -44.48 -24.25
N ASP D 29 -32.68 13.08 16.60
CA ASP D 29 -32.36 13.91 17.75
C ASP D 29 -31.42 15.03 17.34
N PRO D 30 -31.99 16.20 17.02
CA PRO D 30 -31.16 17.28 16.44
C PRO D 30 -30.00 17.72 17.34
N ALA D 31 -30.27 17.98 18.62
CA ALA D 31 -29.22 18.43 19.53
C ALA D 31 -28.08 17.41 19.59
N ALA D 32 -28.42 16.13 19.80
CA ALA D 32 -27.39 15.09 19.89
C ALA D 32 -26.55 15.00 18.62
N ASP D 33 -27.18 15.19 17.46
CA ASP D 33 -26.42 15.21 16.20
C ASP D 33 -25.42 16.34 16.18
N LEU D 34 -25.81 17.51 16.71
CA LEU D 34 -24.91 18.65 16.73
C LEU D 34 -23.70 18.39 17.62
N LEU D 35 -23.93 17.77 18.79
CA LEU D 35 -22.82 17.52 19.69
C LEU D 35 -21.85 16.50 19.11
N ARG D 36 -22.37 15.42 18.50
CA ARG D 36 -21.50 14.44 17.88
C ARG D 36 -20.63 15.07 16.82
N GLU D 37 -21.24 15.92 15.98
CA GLU D 37 -20.49 16.60 14.95
C GLU D 37 -19.43 17.52 15.55
N ARG D 38 -19.79 18.24 16.61
CA ARG D 38 -18.87 19.18 17.24
C ARG D 38 -17.69 18.44 17.88
N ALA D 39 -17.98 17.38 18.65
CA ALA D 39 -16.92 16.58 19.23
C ALA D 39 -16.01 16.00 18.16
N ALA D 40 -16.59 15.51 17.06
CA ALA D 40 -15.76 14.98 15.98
C ALA D 40 -14.95 16.09 15.34
N HIS D 41 -15.53 17.28 15.19
CA HIS D 41 -14.79 18.42 14.68
C HIS D 41 -13.59 18.73 15.57
N TYR D 42 -13.82 18.84 16.87
CA TYR D 42 -12.75 19.25 17.78
C TYR D 42 -11.64 18.21 17.82
N ALA D 43 -11.98 16.92 17.86
CA ALA D 43 -10.98 15.87 17.77
C ALA D 43 -10.14 16.01 16.50
N ALA D 44 -10.77 16.38 15.38
CA ALA D 44 -10.03 16.53 14.14
C ALA D 44 -9.10 17.74 14.19
N GLU D 45 -9.54 18.82 14.84
CA GLU D 45 -8.67 19.98 15.03
C GLU D 45 -7.48 19.64 15.90
N ALA D 46 -7.70 18.94 17.02
CA ALA D 46 -6.57 18.57 17.87
C ALA D 46 -5.59 17.69 17.09
N ALA D 47 -6.11 16.73 16.33
CA ALA D 47 -5.24 15.86 15.53
C ALA D 47 -4.48 16.66 14.48
N LEU D 48 -5.13 17.70 13.93
CA LEU D 48 -4.49 18.55 12.93
C LEU D 48 -3.27 19.28 13.51
N PHE D 49 -3.44 19.88 14.70
CA PHE D 49 -2.32 20.56 15.33
C PHE D 49 -1.21 19.58 15.74
N LEU D 50 -1.57 18.35 16.09
CA LEU D 50 -0.56 17.34 16.37
C LEU D 50 0.29 17.06 15.13
N ARG D 51 -0.35 16.91 13.97
CA ARG D 51 0.39 16.69 12.73
C ARG D 51 1.29 17.86 12.39
N ASP D 52 0.86 19.08 12.70
CA ASP D 52 1.74 20.22 12.51
C ASP D 52 3.01 20.07 13.34
N GLN D 53 2.87 19.56 14.56
CA GLN D 53 4.05 19.36 15.40
C GLN D 53 4.88 18.18 14.88
N ALA D 54 4.22 17.13 14.39
CA ALA D 54 4.95 16.01 13.81
C ALA D 54 5.80 16.47 12.63
N LEU D 55 5.20 17.27 11.74
CA LEU D 55 5.95 17.84 10.61
C LEU D 55 7.11 18.70 11.07
N SER D 56 6.90 19.50 12.11
CA SER D 56 7.95 20.40 12.58
C SER D 56 9.11 19.62 13.22
N THR D 57 8.77 18.69 14.12
CA THR D 57 9.78 17.81 14.69
C THR D 57 10.54 17.05 13.60
N ALA D 58 9.80 16.42 12.69
CA ALA D 58 10.43 15.66 11.60
C ALA D 58 11.41 16.55 10.85
N SER D 59 10.97 17.75 10.49
CA SER D 59 11.85 18.72 9.82
C SER D 59 13.13 18.94 10.62
N HIS D 60 12.98 19.18 11.93
CA HIS D 60 14.14 19.43 12.79
C HIS D 60 15.04 18.20 12.87
N ASP D 61 14.45 17.04 13.15
CA ASP D 61 15.24 15.85 13.44
C ASP D 61 15.96 15.35 12.21
N LEU D 62 15.33 15.41 11.04
CA LEU D 62 15.95 14.93 9.80
C LEU D 62 17.04 15.85 9.28
N ARG D 63 17.07 17.12 9.71
CA ARG D 63 18.14 18.00 9.27
C ARG D 63 19.46 17.69 9.99
N SER D 64 19.38 17.16 11.21
CA SER D 64 20.61 16.91 11.97
C SER D 64 21.55 15.91 11.32
N PRO D 65 21.12 14.72 10.89
CA PRO D 65 22.07 13.83 10.19
C PRO D 65 22.56 14.41 8.88
N LEU D 66 21.73 15.24 8.22
CA LEU D 66 22.16 15.87 6.98
C LEU D 66 23.31 16.85 7.21
N ASN D 67 23.29 17.55 8.35
CA ASN D 67 24.40 18.42 8.71
C ASN D 67 25.65 17.59 8.98
N ALA D 68 25.52 16.56 9.83
CA ALA D 68 26.64 15.68 10.11
C ALA D 68 27.21 15.08 8.84
N MET D 69 26.34 14.63 7.93
CA MET D 69 26.79 14.10 6.65
C MET D 69 27.57 15.15 5.87
N HIS D 70 27.04 16.36 5.77
CA HIS D 70 27.72 17.39 4.99
C HIS D 70 29.03 17.80 5.66
N SER D 71 29.06 17.80 7.00
CA SER D 71 30.28 18.15 7.71
C SER D 71 31.36 17.08 7.51
N TRP D 72 30.98 15.81 7.56
CA TRP D 72 31.92 14.75 7.24
C TRP D 72 32.35 14.79 5.78
N ALA D 73 31.46 15.20 4.88
CA ALA D 73 31.81 15.27 3.46
C ALA D 73 32.89 16.33 3.21
N TYR D 74 32.77 17.51 3.82
CA TYR D 74 33.77 18.54 3.61
C TYR D 74 35.13 18.11 4.13
N VAL D 75 35.15 17.39 5.27
CA VAL D 75 36.38 16.79 5.76
C VAL D 75 37.04 15.94 4.69
N LEU D 76 36.24 15.16 3.96
CA LEU D 76 36.81 14.28 2.94
C LEU D 76 37.38 15.08 1.78
N GLU D 77 36.63 16.08 1.31
CA GLU D 77 37.16 16.98 0.28
C GLU D 77 38.52 17.52 0.70
N ARG D 78 38.60 18.00 1.94
CA ARG D 78 39.85 18.56 2.44
C ARG D 78 40.96 17.51 2.48
N GLN D 79 40.68 16.35 3.08
CA GLN D 79 41.69 15.29 3.11
C GLN D 79 42.03 14.82 1.70
N LEU D 80 41.05 14.78 0.81
CA LEU D 80 41.28 14.36 -0.58
C LEU D 80 41.67 15.57 -1.43
N ALA D 81 42.92 15.99 -1.25
CA ALA D 81 43.48 16.99 -2.15
C ALA D 81 43.60 16.44 -3.57
N SER D 82 43.87 15.14 -3.70
CA SER D 82 43.97 14.51 -5.01
C SER D 82 42.68 14.71 -5.80
N ALA D 83 42.83 14.84 -7.11
CA ALA D 83 41.73 15.11 -8.01
C ALA D 83 41.51 13.96 -8.98
N ASP D 84 41.63 12.73 -8.49
CA ASP D 84 41.21 11.59 -9.28
C ASP D 84 39.73 11.76 -9.60
N PRO D 85 39.35 11.87 -10.88
CA PRO D 85 37.96 12.24 -11.20
C PRO D 85 36.92 11.35 -10.57
N SER D 86 37.24 10.09 -10.31
CA SER D 86 36.30 9.20 -9.64
C SER D 86 36.00 9.66 -8.23
N LEU D 87 37.02 10.13 -7.51
CA LEU D 87 36.79 10.63 -6.16
C LEU D 87 35.94 11.89 -6.16
N GLN D 88 36.14 12.77 -7.14
CA GLN D 88 35.38 14.01 -7.19
C GLN D 88 33.92 13.74 -7.52
N ARG D 89 33.65 12.85 -8.48
CA ARG D 89 32.27 12.52 -8.81
C ARG D 89 31.56 11.89 -7.62
N ALA D 90 32.25 11.01 -6.88
CA ALA D 90 31.64 10.38 -5.73
C ALA D 90 31.35 11.38 -4.62
N LEU D 91 32.26 12.34 -4.40
CA LEU D 91 31.99 13.41 -3.44
C LEU D 91 30.79 14.25 -3.88
N ALA D 92 30.69 14.53 -5.18
CA ALA D 92 29.55 15.25 -5.70
C ALA D 92 28.27 14.42 -5.56
N GLY D 93 28.37 13.10 -5.78
CA GLY D 93 27.23 12.24 -5.56
C GLY D 93 26.74 12.29 -4.13
N ILE D 94 27.66 12.22 -3.18
CA ILE D 94 27.27 12.34 -1.78
C ILE D 94 26.66 13.71 -1.51
N ARG D 95 27.27 14.77 -2.03
CA ARG D 95 26.76 16.12 -1.82
C ARG D 95 25.37 16.28 -2.43
N THR D 96 25.15 15.67 -3.59
CA THR D 96 23.85 15.74 -4.24
C THR D 96 22.79 15.03 -3.41
N GLY D 97 23.13 13.87 -2.84
CA GLY D 97 22.21 13.17 -1.97
C GLY D 97 21.81 13.99 -0.77
N ILE D 98 22.74 14.75 -0.20
CA ILE D 98 22.39 15.63 0.91
C ILE D 98 21.44 16.72 0.46
N ASP D 99 21.78 17.39 -0.64
CA ASP D 99 20.99 18.53 -1.09
C ASP D 99 19.60 18.11 -1.57
N GLN D 100 19.46 16.92 -2.14
CA GLN D 100 18.14 16.46 -2.53
C GLN D 100 17.26 16.23 -1.30
N GLN D 101 17.86 15.85 -0.18
CA GLN D 101 17.06 15.68 1.03
C GLN D 101 16.67 17.01 1.64
N VAL D 102 17.60 17.98 1.66
CA VAL D 102 17.28 19.32 2.13
C VAL D 102 16.11 19.89 1.35
N ALA D 103 16.19 19.82 0.01
CA ALA D 103 15.12 20.33 -0.84
C ALA D 103 13.81 19.60 -0.58
N LEU D 104 13.89 18.32 -0.23
CA LEU D 104 12.69 17.54 0.05
CA LEU D 104 12.68 17.54 0.05
C LEU D 104 12.06 17.97 1.37
N ILE D 105 12.88 18.11 2.41
CA ILE D 105 12.38 18.56 3.71
C ILE D 105 11.77 19.95 3.60
N ASP D 106 12.41 20.84 2.83
CA ASP D 106 11.87 22.18 2.61
C ASP D 106 10.49 22.10 1.95
N ASP D 107 10.41 21.36 0.84
CA ASP D 107 9.22 21.42 0.00
C ASP D 107 8.05 20.69 0.61
N VAL D 108 8.31 19.67 1.43
CA VAL D 108 7.30 18.71 1.84
C VAL D 108 6.96 18.82 3.31
N LEU D 109 7.95 19.11 4.16
CA LEU D 109 7.70 19.17 5.59
C LEU D 109 7.53 20.61 6.09
N ASP D 110 8.15 21.58 5.43
CA ASP D 110 8.07 22.95 5.90
C ASP D 110 7.10 23.80 5.08
N ALA D 111 7.17 23.72 3.76
CA ALA D 111 6.25 24.46 2.91
C ALA D 111 4.78 24.31 3.30
N PRO D 112 4.26 23.12 3.64
CA PRO D 112 2.83 23.02 4.01
C PRO D 112 2.43 23.81 5.24
N ARG D 113 3.39 24.32 6.02
CA ARG D 113 3.09 24.98 7.27
C ARG D 113 3.39 26.49 7.28
N ALA D 114 4.06 27.01 6.25
CA ALA D 114 4.53 28.39 6.29
C ALA D 114 3.38 29.39 6.44
N GLU D 115 2.22 29.09 5.83
CA GLU D 115 1.07 29.98 5.95
C GLU D 115 0.30 29.79 7.25
N THR D 116 0.46 28.65 7.92
CA THR D 116 -0.27 28.36 9.15
C THR D 116 0.58 28.45 10.41
N ARG D 117 1.90 28.65 10.27
CA ARG D 117 2.80 28.52 11.42
C ARG D 117 2.39 29.44 12.57
N THR D 118 2.02 30.68 12.26
CA THR D 118 1.48 31.61 13.25
C THR D 118 -0.04 31.59 13.14
N LEU D 119 -0.70 31.13 14.21
CA LEU D 119 -2.15 30.90 14.17
C LEU D 119 -2.93 32.22 14.24
N ALA D 120 -3.84 32.42 13.31
CA ALA D 120 -4.68 33.60 13.29
C ALA D 120 -5.94 33.36 14.12
N ILE D 121 -6.35 34.37 14.88
CA ILE D 121 -7.57 34.30 15.66
C ILE D 121 -8.35 35.59 15.46
N THR D 122 -9.61 35.56 15.89
CA THR D 122 -10.47 36.74 15.92
C THR D 122 -11.05 36.86 17.32
N ALA D 123 -10.59 37.86 18.08
CA ALA D 123 -11.11 38.11 19.42
C ALA D 123 -12.40 38.91 19.33
N GLN D 124 -13.43 38.46 20.04
CA GLN D 124 -14.71 39.14 20.17
C GLN D 124 -15.29 38.82 21.54
N PRO D 125 -16.00 39.75 22.16
CA PRO D 125 -16.57 39.48 23.49
C PRO D 125 -17.66 38.41 23.43
N PHE D 126 -17.55 37.42 24.35
CA PHE D 126 -18.58 36.40 24.49
C PHE D 126 -18.81 36.09 25.98
N ALA D 127 -19.99 35.56 26.28
CA ALA D 127 -20.35 35.15 27.63
C ALA D 127 -19.63 33.86 28.00
N LEU D 128 -18.81 33.91 29.06
CA LEU D 128 -17.89 32.79 29.35
C LEU D 128 -18.62 31.58 29.91
N ARG D 129 -19.56 31.81 30.83
CA ARG D 129 -20.25 30.70 31.49
C ARG D 129 -20.99 29.79 30.52
N PRO D 130 -21.76 30.27 29.55
CA PRO D 130 -22.37 29.32 28.60
C PRO D 130 -21.34 28.51 27.82
N LEU D 131 -20.17 29.08 27.50
CA LEU D 131 -19.14 28.27 26.85
C LEU D 131 -18.65 27.16 27.77
N LEU D 132 -18.48 27.47 29.06
CA LEU D 132 -18.00 26.46 30.01
C LEU D 132 -19.05 25.37 30.20
N ASP D 133 -20.32 25.74 30.29
CA ASP D 133 -21.38 24.74 30.38
C ASP D 133 -21.42 23.86 29.14
N ASP D 134 -21.28 24.46 27.95
CA ASP D 134 -21.35 23.68 26.73
C ASP D 134 -20.16 22.71 26.63
N THR D 135 -18.96 23.18 26.97
CA THR D 135 -17.79 22.32 26.97
C THR D 135 -17.98 21.12 27.87
N LEU D 136 -18.48 21.38 29.09
CA LEU D 136 -18.74 20.32 30.05
CA LEU D 136 -18.74 20.30 30.05
C LEU D 136 -19.69 19.27 29.48
N ALA D 137 -20.87 19.72 29.02
CA ALA D 137 -21.84 18.80 28.44
C ALA D 137 -21.25 18.07 27.23
N LEU D 138 -20.44 18.75 26.42
CA LEU D 138 -19.87 18.10 25.25
C LEU D 138 -18.93 16.94 25.64
N VAL D 139 -18.03 17.18 26.60
CA VAL D 139 -17.07 16.13 26.97
C VAL D 139 -17.77 14.98 27.69
N ARG D 140 -18.74 15.28 28.55
CA ARG D 140 -19.56 14.23 29.16
C ARG D 140 -20.24 13.38 28.10
N PHE D 141 -20.84 14.03 27.10
CA PHE D 141 -21.58 13.29 26.08
C PHE D 141 -20.63 12.49 25.17
N ALA D 142 -19.52 13.10 24.77
CA ALA D 142 -18.67 12.49 23.74
C ALA D 142 -17.73 11.42 24.28
N LEU D 143 -17.36 11.47 25.56
CA LEU D 143 -16.35 10.51 26.03
C LEU D 143 -16.49 10.14 27.50
N ALA D 144 -16.72 11.10 28.39
CA ALA D 144 -16.53 10.87 29.82
C ALA D 144 -17.57 9.90 30.38
N ASP D 145 -18.84 10.05 30.00
CA ASP D 145 -19.86 9.13 30.51
C ASP D 145 -19.57 7.69 30.10
N ALA D 146 -19.27 7.46 28.82
CA ALA D 146 -18.90 6.13 28.36
C ALA D 146 -17.66 5.61 29.09
N ARG D 147 -16.74 6.50 29.49
CA ARG D 147 -15.54 6.10 30.21
C ARG D 147 -15.76 5.97 31.70
N GLN D 148 -16.96 6.30 32.19
CA GLN D 148 -17.29 6.26 33.61
C GLN D 148 -16.36 7.17 34.40
N VAL D 149 -16.05 8.33 33.82
CA VAL D 149 -15.20 9.34 34.44
C VAL D 149 -16.08 10.52 34.79
N SER D 150 -16.20 10.81 36.08
CA SER D 150 -16.98 11.95 36.56
C SER D 150 -16.18 13.24 36.42
N ILE D 151 -16.85 14.32 36.05
CA ILE D 151 -16.22 15.63 35.98
C ILE D 151 -16.87 16.53 37.02
N ASP D 152 -16.08 16.99 37.99
CA ASP D 152 -16.53 17.94 39.00
C ASP D 152 -16.09 19.32 38.57
N ALA D 153 -17.07 20.19 38.29
CA ALA D 153 -16.81 21.52 37.75
C ALA D 153 -17.11 22.58 38.79
N THR D 154 -16.20 23.53 38.94
CA THR D 154 -16.43 24.76 39.70
C THR D 154 -16.37 25.91 38.71
N LEU D 155 -17.48 26.60 38.51
CA LEU D 155 -17.53 27.58 37.46
C LEU D 155 -17.83 28.96 38.03
N PRO D 156 -17.39 30.03 37.36
CA PRO D 156 -17.61 31.37 37.90
C PRO D 156 -19.10 31.73 37.88
N ASP D 157 -19.59 32.18 39.02
CA ASP D 157 -20.95 32.70 39.13
C ASP D 157 -21.02 34.08 38.50
N GLY D 158 -22.23 34.63 38.44
CA GLY D 158 -22.40 35.85 37.68
C GLY D 158 -22.34 35.56 36.20
N GLU D 159 -22.21 36.63 35.43
CA GLU D 159 -22.23 36.55 33.96
C GLU D 159 -20.97 37.16 33.35
N PRO D 160 -19.79 36.66 33.71
CA PRO D 160 -18.56 37.24 33.15
C PRO D 160 -18.45 37.00 31.65
N SER D 161 -17.82 37.95 30.98
CA SER D 161 -17.52 37.86 29.57
C SER D 161 -16.02 37.88 29.34
N LEU D 162 -15.62 37.46 28.14
CA LEU D 162 -14.23 37.36 27.76
C LEU D 162 -14.12 37.78 26.31
N SER D 163 -13.17 38.67 26.00
CA SER D 163 -12.85 38.98 24.61
C SER D 163 -11.74 38.04 24.19
N ALA D 164 -12.11 37.02 23.41
CA ALA D 164 -11.19 36.01 22.90
C ALA D 164 -11.83 35.37 21.69
N ASP D 165 -11.10 34.45 21.05
CA ASP D 165 -11.63 33.69 19.92
C ASP D 165 -12.47 32.55 20.50
N ARG D 166 -13.79 32.72 20.49
CA ARG D 166 -14.67 31.76 21.16
C ARG D 166 -14.50 30.35 20.60
N GLU D 167 -14.45 30.23 19.28
CA GLU D 167 -14.34 28.90 18.67
C GLU D 167 -13.02 28.24 19.05
N ARG D 168 -11.91 28.97 18.98
CA ARG D 168 -10.62 28.39 19.35
C ARG D 168 -10.55 28.10 20.83
N VAL D 169 -11.08 29.00 21.68
CA VAL D 169 -11.11 28.74 23.12
C VAL D 169 -11.94 27.50 23.42
N ALA D 170 -13.08 27.35 22.74
CA ALA D 170 -13.88 26.15 22.93
C ALA D 170 -13.06 24.91 22.61
N GLN D 171 -12.33 24.92 21.51
CA GLN D 171 -11.53 23.78 21.10
C GLN D 171 -10.44 23.49 22.12
N ALA D 172 -9.81 24.55 22.65
CA ALA D 172 -8.74 24.35 23.62
C ALA D 172 -9.26 23.74 24.91
N LEU D 173 -10.40 24.24 25.41
CA LEU D 173 -10.99 23.71 26.63
C LEU D 173 -11.43 22.26 26.45
N TRP D 174 -12.12 21.99 25.35
CA TRP D 174 -12.52 20.62 25.05
C TRP D 174 -11.31 19.70 24.97
N THR D 175 -10.22 20.17 24.35
CA THR D 175 -9.06 19.30 24.20
C THR D 175 -8.40 19.03 25.56
N MET D 176 -8.23 20.06 26.39
CA MET D 176 -7.69 19.85 27.74
C MET D 176 -8.54 18.84 28.50
N LEU D 177 -9.84 19.08 28.56
CA LEU D 177 -10.73 18.26 29.36
C LEU D 177 -10.78 16.84 28.83
N THR D 178 -10.80 16.70 27.50
CA THR D 178 -10.89 15.36 26.92
C THR D 178 -9.59 14.59 27.15
N THR D 179 -8.44 15.27 27.10
CA THR D 179 -7.17 14.62 27.39
C THR D 179 -7.14 14.09 28.81
N ALA D 180 -7.64 14.89 29.76
CA ALA D 180 -7.67 14.45 31.16
C ALA D 180 -8.60 13.25 31.33
N VAL D 181 -9.73 13.25 30.62
CA VAL D 181 -10.62 12.10 30.66
C VAL D 181 -9.96 10.88 30.06
N GLU D 182 -9.29 11.05 28.91
CA GLU D 182 -8.55 9.96 28.29
C GLU D 182 -7.57 9.31 29.26
N ALA D 183 -6.98 10.10 30.15
CA ALA D 183 -6.00 9.62 31.09
C ALA D 183 -6.59 8.90 32.30
N SER D 184 -7.93 8.81 32.40
CA SER D 184 -8.58 8.43 33.65
C SER D 184 -9.18 7.05 33.56
N ALA D 185 -8.92 6.23 34.58
CA ALA D 185 -9.57 4.94 34.71
C ALA D 185 -11.03 5.12 35.13
N ALA D 186 -11.83 4.09 34.85
CA ALA D 186 -13.24 4.12 35.21
C ALA D 186 -13.42 4.27 36.73
N GLY D 187 -14.37 5.11 37.12
CA GLY D 187 -14.63 5.41 38.51
C GLY D 187 -13.82 6.54 39.10
N ASN D 188 -12.86 7.09 38.35
CA ASN D 188 -12.09 8.22 38.83
C ASN D 188 -12.73 9.54 38.39
N ARG D 189 -12.20 10.64 38.92
CA ARG D 189 -12.79 11.94 38.71
C ARG D 189 -11.78 12.88 38.05
N VAL D 190 -12.32 13.81 37.26
CA VAL D 190 -11.56 14.92 36.70
C VAL D 190 -12.13 16.20 37.28
N THR D 191 -11.27 17.06 37.79
CA THR D 191 -11.73 18.35 38.29
CA THR D 191 -11.72 18.35 38.30
C THR D 191 -11.56 19.39 37.20
N PHE D 192 -12.56 20.25 37.06
CA PHE D 192 -12.57 21.30 36.05
C PHE D 192 -12.93 22.60 36.77
N ALA D 193 -11.94 23.46 36.98
CA ALA D 193 -12.16 24.72 37.66
C ALA D 193 -11.71 25.86 36.77
N CYS D 194 -12.54 26.89 36.65
CA CYS D 194 -12.22 28.05 35.83
C CYS D 194 -12.57 29.30 36.60
N THR D 195 -11.62 30.21 36.68
CA THR D 195 -11.79 31.49 37.34
C THR D 195 -11.69 32.59 36.29
N ARG D 196 -12.19 33.78 36.64
CA ARG D 196 -12.15 34.89 35.68
C ARG D 196 -12.21 36.20 36.48
N ASP D 197 -11.04 36.76 36.81
CA ASP D 197 -10.93 38.00 37.57
C ASP D 197 -10.52 39.17 36.65
N GLY D 198 -10.04 40.26 37.25
CA GLY D 198 -9.74 41.47 36.49
C GLY D 198 -8.53 41.39 35.58
N ALA D 199 -7.72 40.31 35.66
CA ALA D 199 -6.49 40.16 34.89
C ALA D 199 -6.55 39.02 33.87
N GLN D 200 -7.03 37.86 34.28
CA GLN D 200 -6.89 36.66 33.46
C GLN D 200 -8.02 35.68 33.74
N CYS D 201 -8.36 34.92 32.72
CA CYS D 201 -9.26 33.78 32.83
CA CYS D 201 -9.26 33.79 32.86
C CYS D 201 -8.43 32.52 32.78
N VAL D 202 -8.44 31.75 33.87
CA VAL D 202 -7.60 30.56 33.98
C VAL D 202 -8.49 29.34 34.14
N ALA D 203 -8.29 28.35 33.28
CA ALA D 203 -8.93 27.05 33.43
C ALA D 203 -7.91 26.03 33.90
N HIS D 204 -8.21 25.33 34.98
CA HIS D 204 -7.41 24.23 35.49
C HIS D 204 -8.20 22.94 35.38
N VAL D 205 -7.58 21.91 34.80
CA VAL D 205 -8.16 20.58 34.67
C VAL D 205 -7.20 19.57 35.32
N THR D 206 -7.69 18.81 36.30
CA THR D 206 -6.85 17.90 37.06
C THR D 206 -7.38 16.47 36.94
N CYS D 207 -6.46 15.52 36.80
CA CYS D 207 -6.77 14.11 36.63
C CYS D 207 -5.70 13.28 37.33
N GLY D 208 -6.00 11.99 37.53
CA GLY D 208 -5.02 11.03 38.01
C GLY D 208 -4.70 10.06 36.88
N VAL D 209 -3.44 10.00 36.47
CA VAL D 209 -3.07 9.34 35.23
C VAL D 209 -3.05 7.83 35.42
N SER D 210 -3.88 7.13 34.65
CA SER D 210 -3.80 5.67 34.50
C SER D 210 -3.26 5.37 33.11
N ALA D 211 -1.99 4.96 33.04
CA ALA D 211 -1.39 4.62 31.76
C ALA D 211 -2.10 3.45 31.09
N ALA D 212 -2.65 2.52 31.88
CA ALA D 212 -3.35 1.38 31.32
C ALA D 212 -4.63 1.80 30.60
N ALA D 213 -5.43 2.68 31.23
CA ALA D 213 -6.65 3.16 30.59
C ALA D 213 -6.33 3.92 29.32
N LEU D 214 -5.28 4.73 29.36
CA LEU D 214 -4.86 5.53 28.22
C LEU D 214 -4.53 4.66 27.02
N ALA D 215 -4.02 3.46 27.25
CA ALA D 215 -3.55 2.59 26.18
C ALA D 215 -4.50 1.45 25.82
N ASP D 216 -5.58 1.27 26.58
CA ASP D 216 -6.44 0.11 26.37
C ASP D 216 -7.21 0.20 25.06
N PRO D 217 -7.00 -0.72 24.10
CA PRO D 217 -7.78 -0.67 22.85
C PRO D 217 -9.26 -0.96 23.04
N ALA D 218 -9.65 -1.64 24.12
CA ALA D 218 -11.04 -1.95 24.39
C ALA D 218 -11.83 -0.75 24.90
N LEU D 219 -11.17 0.30 25.39
CA LEU D 219 -11.89 1.45 25.89
C LEU D 219 -12.20 2.44 24.77
N PRO D 220 -13.22 3.27 24.93
CA PRO D 220 -13.45 4.35 23.95
C PRO D 220 -12.41 5.45 24.08
N HIS D 221 -11.95 5.96 22.92
CA HIS D 221 -10.94 7.01 22.85
C HIS D 221 -11.34 8.08 21.84
N ALA D 222 -11.02 9.33 22.16
CA ALA D 222 -11.17 10.46 21.24
C ALA D 222 -9.97 10.67 20.35
N PHE D 223 -8.77 10.32 20.82
CA PHE D 223 -7.52 10.51 20.10
C PHE D 223 -6.94 9.15 19.73
N ASP D 224 -6.09 9.11 18.70
CA ASP D 224 -5.59 7.82 18.22
C ASP D 224 -4.42 7.33 19.09
N ALA D 225 -4.03 6.08 18.84
CA ALA D 225 -3.05 5.42 19.72
C ALA D 225 -1.72 6.17 19.77
N PHE D 226 -1.26 6.68 18.62
CA PHE D 226 0.01 7.41 18.63
C PHE D 226 -0.05 8.62 19.55
N ALA D 227 -1.16 9.38 19.51
CA ALA D 227 -1.27 10.55 20.38
C ALA D 227 -1.26 10.16 21.85
N ARG D 228 -1.94 9.05 22.18
CA ARG D 228 -2.01 8.63 23.58
C ARG D 228 -0.69 8.04 24.07
N ARG D 229 0.10 7.45 23.17
CA ARG D 229 1.44 7.02 23.56
CA ARG D 229 1.44 7.02 23.57
C ARG D 229 2.39 8.21 23.64
N GLU D 230 2.27 9.16 22.70
CA GLU D 230 3.14 10.32 22.72
C GLU D 230 2.99 11.09 24.02
N MET D 231 1.78 11.09 24.59
CA MET D 231 1.53 11.77 25.87
C MET D 231 2.50 11.32 26.95
N LEU D 232 2.90 10.06 26.93
CA LEU D 232 3.69 9.49 28.02
C LEU D 232 5.19 9.71 27.85
N ARG D 233 5.62 10.36 26.76
CA ARG D 233 7.03 10.67 26.55
C ARG D 233 7.45 11.89 27.37
N SER D 234 8.71 11.88 27.81
CA SER D 234 9.28 13.06 28.45
C SER D 234 9.72 14.06 27.39
N ARG D 235 9.76 15.33 27.77
CA ARG D 235 10.04 16.39 26.81
C ARG D 235 10.61 17.59 27.56
N ASP D 236 11.16 18.53 26.79
CA ASP D 236 11.68 19.76 27.37
C ASP D 236 10.58 20.51 28.12
N ALA D 237 11.00 21.26 29.15
CA ALA D 237 10.03 21.95 30.01
C ALA D 237 9.16 22.92 29.21
N LYS D 238 9.72 23.51 28.16
CA LYS D 238 8.97 24.44 27.33
C LYS D 238 7.89 23.74 26.51
N ARG D 239 7.95 22.41 26.37
CA ARG D 239 7.12 21.68 25.42
C ARG D 239 5.97 20.96 26.13
N VAL D 240 4.87 20.78 25.37
CA VAL D 240 3.69 20.08 25.86
C VAL D 240 3.47 18.81 25.03
N ALA D 241 2.60 17.93 25.54
CA ALA D 241 2.22 16.75 24.78
C ALA D 241 1.60 17.15 23.46
N TRP D 242 1.93 16.41 22.39
CA TRP D 242 1.55 16.83 21.04
C TRP D 242 0.03 16.91 20.89
N VAL D 243 -0.72 16.05 21.58
CA VAL D 243 -2.17 16.12 21.48
C VAL D 243 -2.73 17.43 22.05
N LEU D 244 -1.93 18.14 22.85
CA LEU D 244 -2.33 19.42 23.41
C LEU D 244 -1.70 20.60 22.67
N ALA D 245 -1.07 20.34 21.52
CA ALA D 245 -0.53 21.43 20.71
C ALA D 245 -1.57 22.50 20.44
N LEU D 246 -2.81 22.10 20.14
CA LEU D 246 -3.86 23.08 19.89
C LEU D 246 -3.99 24.04 21.08
N CYS D 247 -4.02 23.49 22.29
CA CYS D 247 -4.13 24.33 23.48
C CYS D 247 -3.00 25.33 23.55
N GLN D 248 -1.77 24.87 23.28
CA GLN D 248 -0.62 25.74 23.41
C GLN D 248 -0.68 26.86 22.38
N ARG D 249 -0.98 26.53 21.14
CA ARG D 249 -0.96 27.55 20.11
C ARG D 249 -2.16 28.47 20.19
N VAL D 250 -3.31 27.96 20.65
CA VAL D 250 -4.44 28.86 20.91
C VAL D 250 -4.10 29.82 22.05
N ALA D 251 -3.50 29.29 23.13
CA ALA D 251 -3.11 30.16 24.24
C ALA D 251 -2.14 31.24 23.81
N LEU D 252 -1.13 30.88 23.01
CA LEU D 252 -0.13 31.86 22.60
C LEU D 252 -0.71 32.89 21.63
N ALA D 253 -1.64 32.47 20.78
CA ALA D 253 -2.31 33.42 19.90
C ALA D 253 -3.04 34.51 20.70
N HIS D 254 -3.53 34.19 21.89
CA HIS D 254 -4.21 35.16 22.72
C HIS D 254 -3.27 35.92 23.63
N GLY D 255 -1.97 35.70 23.50
CA GLY D 255 -1.03 36.28 24.45
C GLY D 255 -1.09 35.67 25.82
N GLY D 256 -1.64 34.45 25.93
CA GLY D 256 -1.68 33.70 27.16
C GLY D 256 -0.71 32.54 27.16
N THR D 257 -0.94 31.61 28.08
CA THR D 257 -0.02 30.48 28.28
C THR D 257 -0.80 29.21 28.47
N PHE D 258 -0.12 28.09 28.18
CA PHE D 258 -0.65 26.75 28.43
C PHE D 258 0.47 25.88 28.94
N THR D 259 0.19 25.11 30.00
CA THR D 259 1.20 24.24 30.59
C THR D 259 0.51 23.03 31.23
N HIS D 260 1.29 21.96 31.41
CA HIS D 260 0.82 20.80 32.16
C HIS D 260 2.03 20.05 32.72
N ALA D 261 1.79 19.35 33.82
CA ALA D 261 2.77 18.41 34.36
C ALA D 261 2.84 17.17 33.48
N ALA D 262 4.00 16.51 33.51
CA ALA D 262 4.22 15.32 32.69
C ALA D 262 3.17 14.25 33.00
N PHE D 263 2.60 13.67 31.95
CA PHE D 263 1.73 12.51 32.12
C PHE D 263 2.60 11.30 32.42
N ALA D 264 2.50 10.76 33.62
CA ALA D 264 3.16 9.54 34.02
C ALA D 264 2.18 8.72 34.83
N ASP D 265 2.27 7.40 34.70
CA ASP D 265 1.36 6.52 35.40
C ASP D 265 1.35 6.83 36.89
N GLY D 266 0.16 7.10 37.42
CA GLY D 266 -0.02 7.39 38.83
C GLY D 266 0.06 8.84 39.23
N ALA D 267 0.49 9.72 38.34
CA ALA D 267 0.67 11.13 38.67
C ALA D 267 -0.67 11.85 38.74
N VAL D 268 -0.70 12.90 39.57
CA VAL D 268 -1.79 13.86 39.57
C VAL D 268 -1.38 15.02 38.69
N VAL D 269 -2.11 15.24 37.59
CA VAL D 269 -1.66 16.14 36.54
C VAL D 269 -2.69 17.24 36.36
N THR D 270 -2.23 18.48 36.43
CA THR D 270 -3.05 19.65 36.15
C THR D 270 -2.65 20.24 34.80
N LEU D 271 -3.64 20.45 33.94
CA LEU D 271 -3.49 21.22 32.71
C LEU D 271 -4.05 22.61 32.97
N SER D 272 -3.28 23.65 32.63
CA SER D 272 -3.68 25.03 32.94
C SER D 272 -3.63 25.89 31.70
N LEU D 273 -4.77 26.51 31.37
CA LEU D 273 -4.90 27.41 30.23
C LEU D 273 -5.26 28.79 30.75
N ALA D 274 -4.38 29.77 30.51
CA ALA D 274 -4.61 31.14 30.94
C ALA D 274 -4.64 32.05 29.73
N VAL D 275 -5.65 32.92 29.65
CA VAL D 275 -5.73 33.93 28.61
C VAL D 275 -6.07 35.27 29.25
N PRO D 276 -5.57 36.38 28.71
CA PRO D 276 -5.91 37.69 29.28
C PRO D 276 -7.39 38.01 29.12
N CYS D 277 -7.90 38.80 30.06
CA CYS D 277 -9.28 39.29 29.98
CA CYS D 277 -9.28 39.28 29.95
C CYS D 277 -9.32 40.67 29.32
#